data_1R42
#
_entry.id   1R42
#
_cell.length_a   103.638
_cell.length_b   89.478
_cell.length_c   112.399
_cell.angle_alpha   90.00
_cell.angle_beta   109.15
_cell.angle_gamma   90.00
#
_symmetry.space_group_name_H-M   'C 1 2 1'
#
loop_
_entity.id
_entity.type
_entity.pdbx_description
1 polymer 'angiotensin I converting enzyme 2'
2 polymer 'disordered segment of collectrin homology domain'
3 polymer 'disordered segment of collectrin homology domain'
4 polymer 'disordered segment of collectrin homology domain'
5 polymer 'disordered segment of collectrin homology domain'
6 non-polymer 2-acetamido-2-deoxy-beta-D-glucopyranose
7 non-polymer 'CHLORIDE ION'
8 non-polymer 'ZINC ION'
9 water water
#
loop_
_entity_poly.entity_id
_entity_poly.type
_entity_poly.pdbx_seq_one_letter_code
_entity_poly.pdbx_strand_id
1 'polypeptide(L)'
;MSSSSWLLLSLVAVTAAQSTIEEQAKTFLDKFNHEAEDLFYQSSLASWNYNTNITEENVQNMNNAGDKWSAFLKEQSTLA
QMYPLQEIQNLTVKLQLQALQQNGSSVLSEDKSKRLNTILNTMSTIYSTGKVCNPDNPQECLLLEPGLNEIMANSLDYNE
RLWAWESWRSEVGKQLRPLYEEYVVLKNEMARANHYEDYGDYWRGDYEVNGVDGYDYSRGQLIEDVEHTFEEIKPLYEHL
HAYVRAKLMNAYPSYISPIGCLPAHLLGDMWGRFWTNLYSLTVPFGQKPNIDVTDAMVDQAWDAQRIFKEAEKFFVSVGL
PNMTQGFWENSMLTDPGNVQKAVCHPTAWDLGKGDFRILMCTKVTMDDFLTAHHEMGHIQYDMAYAAQPFLLRNGANEGF
HEAVGEIMSLSAATPKHLKSIGLLSPDFQEDNETEINFLLKQALTIVGTLPFTYMLEKWRWMVFKGEIPKDQWMKKWWEM
KREIVGVVEPVPHDETYCDPASLFHVSNDYSFIRYYTRTLYQFQFQEALCQAAKHEGPLHKCDISNSTEAGQKLFNMLRL
GKSEPWTLALENVVGAKNMNVRPLLNYFEPLFTWLKDQNKNSFVGWSTDWSPYAD
;
A
2 'polypeptide(L)' (UNK)(UNK)(UNK)(UNK)(UNK)(UNK) B
3 'polypeptide(L)'
;(UNK)(UNK)(UNK)(UNK)(UNK)(UNK)(UNK)(UNK)(UNK)(UNK)(UNK)(UNK)(UNK)(UNK)(UNK)(UNK)
(UNK)(UNK)(UNK)(UNK)
;
C
4 'polypeptide(L)'
;(UNK)(UNK)(UNK)(UNK)(UNK)(UNK)(UNK)(UNK)(UNK)(UNK)(UNK)(UNK)(UNK)(UNK)(UNK)(UNK)
(UNK)(UNK)
;
D
5 'polypeptide(L)' (UNK)(UNK)(UNK)(UNK)(UNK)(UNK)(UNK)(UNK)(UNK)(UNK)(UNK)(UNK)(UNK)(UNK) E
#
loop_
_chem_comp.id
_chem_comp.type
_chem_comp.name
_chem_comp.formula
CL non-polymer 'CHLORIDE ION' 'Cl -1'
NAG D-saccharide, beta linking 2-acetamido-2-deoxy-beta-D-glucopyranose 'C8 H15 N O6'
ZN non-polymer 'ZINC ION' 'Zn 2'
#
# COMPACT_ATOMS: atom_id res chain seq x y z
N SER A 19 46.95 4.10 9.78
CA SER A 19 45.98 3.47 8.83
C SER A 19 45.07 4.54 8.24
N THR A 20 44.49 4.28 7.07
CA THR A 20 43.60 5.23 6.39
C THR A 20 42.14 5.04 6.82
N ILE A 21 41.43 6.15 7.00
CA ILE A 21 40.01 6.13 7.38
C ILE A 21 39.18 5.53 6.25
N GLU A 22 39.75 4.54 5.57
CA GLU A 22 39.11 3.85 4.45
C GLU A 22 39.36 2.37 4.70
N GLU A 23 40.62 2.05 4.97
CA GLU A 23 41.00 0.66 5.22
C GLU A 23 40.60 0.27 6.63
N GLN A 24 40.42 1.26 7.50
CA GLN A 24 40.01 0.95 8.84
C GLN A 24 38.47 0.88 8.84
N ALA A 25 37.86 1.63 7.92
CA ALA A 25 36.41 1.63 7.76
C ALA A 25 36.11 0.26 7.19
N LYS A 26 37.01 -0.21 6.34
CA LYS A 26 36.82 -1.53 5.75
C LYS A 26 36.95 -2.60 6.82
N THR A 27 37.76 -2.35 7.84
CA THR A 27 37.92 -3.35 8.87
C THR A 27 36.75 -3.26 9.83
N PHE A 28 36.25 -2.05 10.03
CA PHE A 28 35.09 -1.83 10.89
C PHE A 28 33.91 -2.60 10.29
N LEU A 29 33.69 -2.41 8.99
CA LEU A 29 32.62 -3.07 8.27
C LEU A 29 32.76 -4.58 8.30
N ASP A 30 33.98 -5.07 8.12
CA ASP A 30 34.19 -6.52 8.15
C ASP A 30 33.78 -7.09 9.53
N LYS A 31 34.12 -6.39 10.60
CA LYS A 31 33.75 -6.86 11.93
C LYS A 31 32.21 -6.85 12.10
N PHE A 32 31.57 -5.79 11.60
CA PHE A 32 30.12 -5.65 11.64
C PHE A 32 29.37 -6.79 10.96
N ASN A 33 29.73 -7.06 9.72
CA ASN A 33 29.08 -8.11 8.97
C ASN A 33 29.08 -9.48 9.65
N HIS A 34 30.21 -9.86 10.24
CA HIS A 34 30.28 -11.14 10.95
C HIS A 34 29.48 -11.07 12.24
N GLU A 35 29.62 -10.00 13.01
CA GLU A 35 28.82 -9.91 14.23
C GLU A 35 27.33 -9.80 13.88
N ALA A 36 26.99 -8.90 12.94
CA ALA A 36 25.60 -8.68 12.53
C ALA A 36 24.95 -9.94 11.99
N GLU A 37 25.65 -10.64 11.12
CA GLU A 37 25.08 -11.84 10.53
C GLU A 37 24.66 -12.82 11.62
N ASP A 38 25.48 -12.93 12.67
CA ASP A 38 25.15 -13.85 13.76
C ASP A 38 24.00 -13.38 14.66
N LEU A 39 24.00 -12.11 15.04
CA LEU A 39 22.92 -11.60 15.89
C LEU A 39 21.60 -11.53 15.14
N PHE A 40 21.65 -11.29 13.83
CA PHE A 40 20.44 -11.21 13.06
C PHE A 40 19.88 -12.62 12.91
N TYR A 41 20.77 -13.60 12.83
CA TYR A 41 20.33 -15.00 12.71
C TYR A 41 19.66 -15.48 13.99
N GLN A 42 20.21 -15.10 15.14
CA GLN A 42 19.64 -15.51 16.42
C GLN A 42 18.26 -14.87 16.56
N SER A 43 18.19 -13.58 16.24
CA SER A 43 16.96 -12.82 16.31
C SER A 43 15.92 -13.33 15.32
N SER A 44 16.34 -13.72 14.13
CA SER A 44 15.42 -14.25 13.12
C SER A 44 14.82 -15.60 13.57
N LEU A 45 15.69 -16.50 14.01
CA LEU A 45 15.27 -17.82 14.49
C LEU A 45 14.27 -17.70 15.62
N ALA A 46 14.52 -16.78 16.53
CA ALA A 46 13.63 -16.56 17.66
C ALA A 46 12.26 -16.13 17.15
N SER A 47 12.23 -15.19 16.21
CA SER A 47 10.95 -14.71 15.68
C SER A 47 10.23 -15.79 14.91
N TRP A 48 11.00 -16.66 14.27
CA TRP A 48 10.41 -17.73 13.51
C TRP A 48 9.71 -18.74 14.42
N ASN A 49 10.27 -18.96 15.60
CA ASN A 49 9.70 -19.89 16.57
C ASN A 49 8.35 -19.39 17.01
N TYR A 50 8.29 -18.10 17.34
CA TYR A 50 7.06 -17.47 17.79
C TYR A 50 5.95 -17.40 16.74
N ASN A 51 6.32 -17.24 15.46
CA ASN A 51 5.30 -17.16 14.40
C ASN A 51 4.88 -18.54 13.91
N THR A 52 5.59 -19.56 14.36
CA THR A 52 5.27 -20.94 13.96
C THR A 52 4.68 -21.71 15.13
N ASN A 53 4.95 -21.23 16.34
CA ASN A 53 4.47 -21.84 17.56
C ASN A 53 4.27 -20.76 18.59
N ILE A 54 3.18 -20.02 18.47
CA ILE A 54 2.91 -18.94 19.41
C ILE A 54 2.90 -19.53 20.82
N THR A 55 3.90 -19.13 21.60
CA THR A 55 4.05 -19.58 23.00
C THR A 55 4.39 -18.34 23.83
N GLU A 56 4.31 -18.47 25.15
CA GLU A 56 4.61 -17.35 26.03
C GLU A 56 6.12 -17.14 26.18
N GLU A 57 6.87 -18.24 26.21
CA GLU A 57 8.32 -18.14 26.33
C GLU A 57 8.94 -17.90 24.96
N ASN A 58 8.21 -18.29 23.91
CA ASN A 58 8.69 -18.08 22.56
C ASN A 58 8.56 -16.62 22.16
N VAL A 59 7.66 -15.89 22.82
CA VAL A 59 7.49 -14.48 22.55
C VAL A 59 8.60 -13.80 23.36
N GLN A 60 8.93 -14.43 24.49
CA GLN A 60 9.98 -13.93 25.38
C GLN A 60 11.31 -14.05 24.68
N ASN A 61 11.64 -15.25 24.22
CA ASN A 61 12.91 -15.47 23.53
C ASN A 61 13.07 -14.50 22.37
N MET A 62 11.99 -14.29 21.63
CA MET A 62 12.02 -13.39 20.48
C MET A 62 12.23 -11.93 20.85
N ASN A 63 11.40 -11.40 21.75
CA ASN A 63 11.53 -10.00 22.12
C ASN A 63 12.94 -9.70 22.65
N ASN A 64 13.52 -10.65 23.37
CA ASN A 64 14.86 -10.46 23.90
C ASN A 64 15.95 -10.56 22.82
N ALA A 65 15.79 -11.53 21.91
CA ALA A 65 16.77 -11.69 20.84
C ALA A 65 16.68 -10.48 19.95
N GLY A 66 15.49 -9.91 19.86
CA GLY A 66 15.29 -8.73 19.05
C GLY A 66 15.89 -7.49 19.65
N ASP A 67 15.80 -7.35 20.97
CA ASP A 67 16.35 -6.20 21.69
C ASP A 67 17.88 -6.21 21.74
N LYS A 68 18.46 -7.39 21.57
CA LYS A 68 19.90 -7.56 21.58
C LYS A 68 20.40 -7.06 20.21
N TRP A 69 19.60 -7.30 19.17
CA TRP A 69 19.93 -6.87 17.82
C TRP A 69 19.84 -5.34 17.69
N SER A 70 18.80 -4.75 18.27
CA SER A 70 18.61 -3.31 18.22
C SER A 70 19.69 -2.56 18.97
N ALA A 71 20.11 -3.12 20.10
CA ALA A 71 21.16 -2.50 20.90
C ALA A 71 22.52 -2.60 20.20
N PHE A 72 22.70 -3.67 19.42
CA PHE A 72 23.93 -3.88 18.67
C PHE A 72 23.97 -2.84 17.55
N LEU A 73 22.84 -2.71 16.86
CA LEU A 73 22.70 -1.78 15.74
C LEU A 73 22.93 -0.35 16.14
N LYS A 74 22.62 -0.02 17.38
CA LYS A 74 22.77 1.33 17.89
C LYS A 74 24.21 1.60 18.30
N GLU A 75 24.86 0.63 18.92
CA GLU A 75 26.24 0.84 19.30
C GLU A 75 27.09 0.93 18.03
N GLN A 76 26.75 0.10 17.05
CA GLN A 76 27.47 0.07 15.79
C GLN A 76 27.25 1.32 14.96
N SER A 77 26.07 1.90 15.07
CA SER A 77 25.76 3.12 14.34
C SER A 77 26.53 4.29 14.95
N THR A 78 26.45 4.41 16.27
CA THR A 78 27.13 5.49 16.96
C THR A 78 28.60 5.15 17.21
N LEU A 79 29.16 4.35 16.30
CA LEU A 79 30.55 3.92 16.39
C LEU A 79 31.11 4.01 14.99
N ALA A 80 30.22 4.16 14.01
CA ALA A 80 30.59 4.28 12.61
C ALA A 80 30.72 5.75 12.25
N GLN A 81 30.15 6.62 13.08
CA GLN A 81 30.21 8.06 12.83
C GLN A 81 31.67 8.44 12.67
N MET A 82 32.51 7.82 13.50
CA MET A 82 33.95 8.04 13.52
C MET A 82 34.59 8.21 12.14
N TYR A 83 34.07 7.48 11.14
CA TYR A 83 34.63 7.53 9.79
C TYR A 83 34.00 8.55 8.85
N PRO A 84 34.66 9.71 8.68
CA PRO A 84 34.23 10.81 7.83
C PRO A 84 33.72 10.33 6.47
N LEU A 85 32.42 10.50 6.25
CA LEU A 85 31.80 10.08 5.01
C LEU A 85 32.49 10.68 3.78
N GLN A 86 32.93 11.92 3.89
CA GLN A 86 33.61 12.58 2.77
C GLN A 86 35.00 12.02 2.53
N GLU A 87 35.69 11.65 3.61
CA GLU A 87 37.03 11.09 3.51
C GLU A 87 36.96 9.70 2.88
N ILE A 88 35.77 9.28 2.48
CA ILE A 88 35.56 7.95 1.90
C ILE A 88 35.54 7.98 0.37
N GLN A 89 36.08 6.91 -0.23
CA GLN A 89 36.16 6.80 -1.68
C GLN A 89 35.36 5.63 -2.27
N ASN A 90 35.66 4.43 -1.80
CA ASN A 90 34.99 3.21 -2.26
C ASN A 90 33.47 3.28 -2.06
N LEU A 91 32.76 3.75 -3.08
CA LEU A 91 31.29 3.90 -3.02
C LEU A 91 30.57 2.72 -2.36
N THR A 92 31.10 1.52 -2.52
CA THR A 92 30.47 0.36 -1.93
C THR A 92 30.57 0.40 -0.41
N VAL A 93 31.68 0.95 0.10
CA VAL A 93 31.84 1.04 1.54
C VAL A 93 31.08 2.25 2.05
N LYS A 94 30.86 3.23 1.17
CA LYS A 94 30.12 4.42 1.58
C LYS A 94 28.67 4.02 1.84
N LEU A 95 28.11 3.22 0.93
CA LEU A 95 26.73 2.73 1.06
C LEU A 95 26.52 2.12 2.44
N GLN A 96 27.34 1.11 2.75
CA GLN A 96 27.25 0.42 4.03
C GLN A 96 27.40 1.38 5.20
N LEU A 97 28.44 2.18 5.14
CA LEU A 97 28.74 3.16 6.17
C LEU A 97 27.57 4.13 6.26
N GLN A 98 27.02 4.47 5.10
CA GLN A 98 25.89 5.38 5.03
C GLN A 98 24.70 4.81 5.82
N ALA A 99 24.30 3.60 5.46
CA ALA A 99 23.19 2.96 6.14
C ALA A 99 23.37 2.97 7.67
N LEU A 100 24.56 2.58 8.12
CA LEU A 100 24.87 2.52 9.53
C LEU A 100 24.87 3.82 10.36
N GLN A 101 25.53 4.87 9.89
CA GLN A 101 25.59 6.11 10.66
C GLN A 101 24.40 7.04 10.51
N GLN A 102 23.22 6.45 10.47
CA GLN A 102 21.97 7.16 10.33
C GLN A 102 21.38 7.24 11.75
N ASN A 103 21.40 8.43 12.36
CA ASN A 103 20.88 8.58 13.72
C ASN A 103 19.38 8.41 13.84
N GLY A 104 18.63 9.18 13.07
CA GLY A 104 17.18 9.08 13.12
C GLY A 104 16.61 9.75 14.36
N SER A 105 15.81 9.01 15.12
CA SER A 105 15.18 9.52 16.32
C SER A 105 16.16 9.77 17.46
N SER A 106 17.23 8.99 17.50
CA SER A 106 18.26 9.12 18.53
C SER A 106 18.88 10.51 18.49
N VAL A 107 18.56 11.27 17.45
CA VAL A 107 19.07 12.62 17.29
C VAL A 107 18.23 13.57 18.13
N LEU A 108 17.23 13.01 18.79
CA LEU A 108 16.32 13.79 19.64
C LEU A 108 16.72 13.65 21.11
N SER A 109 16.33 14.65 21.90
CA SER A 109 16.62 14.64 23.33
C SER A 109 15.70 13.61 23.98
N GLU A 110 16.24 12.81 24.89
CA GLU A 110 15.47 11.77 25.56
C GLU A 110 13.99 12.08 25.81
N ASP A 111 13.68 13.27 26.32
CA ASP A 111 12.29 13.62 26.58
C ASP A 111 11.44 13.71 25.31
N LYS A 112 12.10 14.04 24.19
CA LYS A 112 11.41 14.14 22.91
C LYS A 112 11.17 12.74 22.35
N SER A 113 12.23 11.93 22.31
CA SER A 113 12.16 10.57 21.80
C SER A 113 11.11 9.78 22.57
N LYS A 114 11.06 10.04 23.87
CA LYS A 114 10.11 9.37 24.73
C LYS A 114 8.70 9.77 24.32
N ARG A 115 8.49 11.06 24.13
CA ARG A 115 7.16 11.55 23.74
C ARG A 115 6.76 11.03 22.36
N LEU A 116 7.69 11.09 21.41
CA LEU A 116 7.41 10.61 20.07
C LEU A 116 7.01 9.13 20.11
N ASN A 117 7.73 8.32 20.88
CA ASN A 117 7.40 6.90 20.96
C ASN A 117 6.03 6.67 21.58
N THR A 118 5.70 7.47 22.58
CA THR A 118 4.40 7.39 23.22
C THR A 118 3.34 7.72 22.17
N ILE A 119 3.53 8.82 21.44
CA ILE A 119 2.58 9.19 20.40
C ILE A 119 2.43 8.10 19.34
N LEU A 120 3.52 7.49 18.92
CA LEU A 120 3.40 6.45 17.92
C LEU A 120 2.60 5.27 18.50
N ASN A 121 2.94 4.84 19.70
CA ASN A 121 2.23 3.71 20.30
C ASN A 121 0.77 4.00 20.52
N THR A 122 0.46 5.22 20.93
CA THR A 122 -0.90 5.62 21.16
C THR A 122 -1.71 5.62 19.86
N MET A 123 -1.19 6.27 18.81
CA MET A 123 -1.92 6.33 17.54
C MET A 123 -2.14 4.91 17.05
N SER A 124 -1.11 4.09 17.23
CA SER A 124 -1.20 2.73 16.78
C SER A 124 -2.28 1.91 17.48
N THR A 125 -2.39 2.09 18.78
CA THR A 125 -3.37 1.32 19.53
C THR A 125 -4.78 1.83 19.30
N ILE A 126 -5.00 3.15 19.25
CA ILE A 126 -6.37 3.59 19.02
C ILE A 126 -6.82 3.11 17.64
N TYR A 127 -5.88 2.93 16.72
CA TYR A 127 -6.25 2.45 15.38
C TYR A 127 -6.64 0.97 15.39
N SER A 128 -5.89 0.16 16.14
CA SER A 128 -6.19 -1.26 16.13
C SER A 128 -7.22 -1.65 17.17
N THR A 129 -7.56 -0.72 18.06
CA THR A 129 -8.50 -1.04 19.11
C THR A 129 -9.74 -0.15 19.18
N GLY A 130 -9.77 0.88 18.36
CA GLY A 130 -10.91 1.77 18.36
C GLY A 130 -12.13 1.07 17.81
N LYS A 131 -13.31 1.49 18.26
CA LYS A 131 -14.53 0.87 17.77
C LYS A 131 -15.69 1.84 17.68
N VAL A 132 -16.66 1.50 16.85
CA VAL A 132 -17.81 2.37 16.73
C VAL A 132 -19.01 1.53 17.15
N CYS A 133 -20.03 2.15 17.70
CA CYS A 133 -21.19 1.37 18.12
C CYS A 133 -22.45 1.81 17.38
N ASN A 134 -23.35 0.85 17.20
CA ASN A 134 -24.61 1.08 16.53
C ASN A 134 -25.43 2.15 17.26
N PRO A 135 -26.00 3.12 16.52
CA PRO A 135 -26.79 4.17 17.16
C PRO A 135 -28.05 3.61 17.85
N ASP A 136 -28.61 2.56 17.27
CA ASP A 136 -29.82 1.95 17.82
C ASP A 136 -29.50 0.85 18.83
N ASN A 137 -28.22 0.67 19.15
CA ASN A 137 -27.79 -0.32 20.12
C ASN A 137 -26.34 -0.07 20.52
N PRO A 138 -26.14 0.75 21.56
CA PRO A 138 -24.84 1.14 22.13
C PRO A 138 -23.96 -0.03 22.55
N GLN A 139 -24.55 -1.23 22.63
CA GLN A 139 -23.80 -2.41 23.03
C GLN A 139 -23.27 -3.22 21.82
N GLU A 140 -23.74 -2.88 20.64
CA GLU A 140 -23.26 -3.56 19.45
C GLU A 140 -22.15 -2.65 18.94
N CYS A 141 -20.91 -3.06 19.14
CA CYS A 141 -19.78 -2.24 18.70
C CYS A 141 -18.87 -3.04 17.78
N LEU A 142 -18.34 -2.37 16.77
CA LEU A 142 -17.47 -3.02 15.79
C LEU A 142 -16.06 -2.41 15.72
N LEU A 143 -15.07 -3.25 15.50
CA LEU A 143 -13.69 -2.82 15.35
C LEU A 143 -13.56 -2.61 13.84
N LEU A 144 -12.48 -1.98 13.42
CA LEU A 144 -12.24 -1.79 11.98
C LEU A 144 -12.16 -3.17 11.36
N GLU A 145 -11.38 -4.05 12.00
CA GLU A 145 -11.18 -5.40 11.50
C GLU A 145 -11.59 -6.47 12.51
N PRO A 146 -12.59 -7.28 12.19
CA PRO A 146 -13.35 -7.22 10.94
C PRO A 146 -14.54 -6.38 11.36
N GLY A 147 -15.59 -6.32 10.58
CA GLY A 147 -16.72 -5.54 11.08
C GLY A 147 -16.97 -4.37 10.19
N LEU A 148 -16.22 -3.30 10.43
CA LEU A 148 -16.35 -2.12 9.62
C LEU A 148 -15.80 -2.48 8.23
N ASN A 149 -14.72 -3.26 8.20
CA ASN A 149 -14.15 -3.68 6.93
C ASN A 149 -15.14 -4.58 6.22
N GLU A 150 -15.76 -5.50 6.97
CA GLU A 150 -16.70 -6.43 6.34
C GLU A 150 -17.83 -5.68 5.68
N ILE A 151 -18.28 -4.62 6.36
CA ILE A 151 -19.35 -3.78 5.84
C ILE A 151 -18.91 -3.01 4.61
N MET A 152 -17.80 -2.30 4.71
CA MET A 152 -17.32 -1.47 3.60
C MET A 152 -17.01 -2.28 2.35
N ALA A 153 -16.79 -3.57 2.52
CA ALA A 153 -16.49 -4.43 1.38
C ALA A 153 -17.70 -5.14 0.81
N ASN A 154 -18.71 -5.38 1.65
CA ASN A 154 -19.87 -6.15 1.18
C ASN A 154 -21.26 -5.51 1.15
N SER A 155 -21.47 -4.46 1.93
CA SER A 155 -22.76 -3.81 2.00
C SER A 155 -23.14 -3.05 0.76
N LEU A 156 -24.44 -3.04 0.45
CA LEU A 156 -24.97 -2.31 -0.72
C LEU A 156 -25.96 -1.26 -0.26
N ASP A 157 -25.97 -1.00 1.05
CA ASP A 157 -26.87 0.00 1.60
C ASP A 157 -26.16 1.33 1.81
N TYR A 158 -26.57 2.33 1.06
CA TYR A 158 -25.98 3.65 1.16
C TYR A 158 -25.85 4.15 2.60
N ASN A 159 -26.92 4.06 3.37
CA ASN A 159 -26.87 4.56 4.75
C ASN A 159 -25.97 3.78 5.69
N GLU A 160 -25.98 2.46 5.60
CA GLU A 160 -25.13 1.66 6.48
C GLU A 160 -23.64 1.97 6.18
N ARG A 161 -23.29 2.03 4.89
CA ARG A 161 -21.91 2.32 4.50
C ARG A 161 -21.55 3.74 4.98
N LEU A 162 -22.50 4.66 4.90
CA LEU A 162 -22.21 6.02 5.31
C LEU A 162 -22.02 6.03 6.81
N TRP A 163 -22.87 5.30 7.52
CA TRP A 163 -22.73 5.23 8.96
C TRP A 163 -21.33 4.75 9.36
N ALA A 164 -20.87 3.67 8.76
CA ALA A 164 -19.56 3.11 9.07
C ALA A 164 -18.39 4.05 8.68
N TRP A 165 -18.45 4.63 7.48
CA TRP A 165 -17.41 5.56 6.99
C TRP A 165 -17.22 6.75 7.94
N GLU A 166 -18.30 7.49 8.20
CA GLU A 166 -18.30 8.67 9.07
C GLU A 166 -17.99 8.38 10.54
N SER A 167 -18.54 7.27 11.05
CA SER A 167 -18.29 6.89 12.45
C SER A 167 -16.80 6.56 12.69
N TRP A 168 -16.19 5.85 11.75
CA TRP A 168 -14.78 5.51 11.88
C TRP A 168 -14.02 6.80 11.98
N ARG A 169 -14.27 7.74 11.07
CA ARG A 169 -13.55 9.00 11.10
C ARG A 169 -13.97 9.90 12.25
N SER A 170 -15.22 9.82 12.66
CA SER A 170 -15.66 10.68 13.74
C SER A 170 -15.21 10.20 15.10
N GLU A 171 -15.29 8.90 15.37
CA GLU A 171 -14.86 8.41 16.67
C GLU A 171 -13.36 8.18 16.84
N VAL A 172 -12.70 7.54 15.88
CA VAL A 172 -11.29 7.33 16.09
C VAL A 172 -10.43 8.37 15.40
N GLY A 173 -10.79 8.73 14.17
CA GLY A 173 -9.99 9.72 13.46
C GLY A 173 -9.74 10.97 14.30
N LYS A 174 -10.79 11.47 14.93
CA LYS A 174 -10.67 12.65 15.75
C LYS A 174 -9.73 12.47 16.94
N GLN A 175 -9.62 11.25 17.45
CA GLN A 175 -8.73 11.01 18.57
C GLN A 175 -7.31 11.18 18.06
N LEU A 176 -7.12 10.87 16.79
CA LEU A 176 -5.83 10.94 16.16
C LEU A 176 -5.38 12.35 15.80
N ARG A 177 -6.34 13.25 15.59
CA ARG A 177 -5.98 14.62 15.18
C ARG A 177 -4.92 15.26 16.05
N PRO A 178 -5.16 15.34 17.38
CA PRO A 178 -4.22 15.94 18.33
C PRO A 178 -2.85 15.29 18.25
N LEU A 179 -2.85 13.95 18.29
CA LEU A 179 -1.61 13.19 18.25
C LEU A 179 -0.83 13.40 16.95
N TYR A 180 -1.54 13.39 15.83
CA TYR A 180 -0.89 13.56 14.54
C TYR A 180 -0.15 14.89 14.40
N GLU A 181 -0.73 15.97 14.91
CA GLU A 181 -0.11 17.29 14.81
C GLU A 181 1.20 17.31 15.59
N GLU A 182 1.15 16.83 16.82
CA GLU A 182 2.36 16.78 17.62
C GLU A 182 3.38 15.90 16.88
N TYR A 183 2.92 14.80 16.31
CA TYR A 183 3.77 13.88 15.55
C TYR A 183 4.54 14.49 14.38
N VAL A 184 3.91 15.31 13.55
CA VAL A 184 4.65 15.89 12.44
C VAL A 184 5.73 16.83 12.97
N VAL A 185 5.42 17.59 14.02
CA VAL A 185 6.37 18.51 14.64
C VAL A 185 7.63 17.74 15.04
N LEU A 186 7.43 16.74 15.88
CA LEU A 186 8.53 15.91 16.35
C LEU A 186 9.29 15.23 15.24
N LYS A 187 8.57 14.79 14.21
CA LYS A 187 9.18 14.10 13.08
C LYS A 187 9.99 15.04 12.18
N ASN A 188 9.47 16.25 11.97
CA ASN A 188 10.17 17.22 11.15
C ASN A 188 11.43 17.63 11.89
N GLU A 189 11.36 17.60 13.20
CA GLU A 189 12.50 17.97 14.02
C GLU A 189 13.57 16.90 13.88
N MET A 190 13.17 15.63 13.95
CA MET A 190 14.12 14.55 13.79
C MET A 190 14.78 14.74 12.44
N ALA A 191 13.96 14.88 11.41
CA ALA A 191 14.45 15.04 10.04
C ALA A 191 15.43 16.21 9.82
N ARG A 192 15.09 17.40 10.32
CA ARG A 192 15.96 18.57 10.15
C ARG A 192 17.32 18.32 10.81
N ALA A 193 17.30 17.83 12.05
CA ALA A 193 18.52 17.56 12.78
C ALA A 193 19.35 16.48 12.12
N ASN A 194 18.73 15.75 11.20
CA ASN A 194 19.39 14.67 10.47
C ASN A 194 19.82 15.19 9.10
N HIS A 195 19.71 16.51 8.94
CA HIS A 195 20.11 17.19 7.72
C HIS A 195 19.18 17.04 6.51
N TYR A 196 17.89 17.00 6.78
CA TYR A 196 16.87 16.92 5.74
C TYR A 196 15.96 18.12 5.97
N GLU A 197 15.24 18.52 4.94
CA GLU A 197 14.29 19.65 5.03
C GLU A 197 13.11 19.35 5.95
N ASP A 198 12.52 18.18 5.76
CA ASP A 198 11.37 17.75 6.54
C ASP A 198 11.22 16.23 6.48
N TYR A 199 10.33 15.69 7.30
CA TYR A 199 10.13 14.25 7.36
C TYR A 199 9.86 13.60 6.00
N GLY A 200 9.11 14.29 5.14
CA GLY A 200 8.82 13.75 3.84
C GLY A 200 10.05 13.70 2.94
N ASP A 201 10.91 14.70 3.08
CA ASP A 201 12.15 14.77 2.31
C ASP A 201 13.00 13.55 2.77
N TYR A 202 12.94 13.28 4.06
CA TYR A 202 13.62 12.16 4.67
C TYR A 202 13.22 10.83 4.00
N TRP A 203 11.92 10.62 3.78
CA TRP A 203 11.43 9.39 3.15
C TRP A 203 11.87 9.23 1.69
N ARG A 204 11.84 10.33 0.95
CA ARG A 204 12.24 10.29 -0.44
C ARG A 204 13.74 9.94 -0.49
N GLY A 205 14.38 10.01 0.67
CA GLY A 205 15.77 9.65 0.78
C GLY A 205 16.05 8.24 0.30
N ASP A 206 14.99 7.40 0.19
CA ASP A 206 15.17 6.00 -0.27
C ASP A 206 15.51 5.88 -1.74
N TYR A 207 15.14 6.89 -2.53
CA TYR A 207 15.42 6.86 -3.98
C TYR A 207 16.69 7.63 -4.38
N GLU A 208 17.24 8.39 -3.44
CA GLU A 208 18.43 9.17 -3.70
C GLU A 208 19.71 8.38 -3.94
N VAL A 209 20.40 8.72 -5.02
CA VAL A 209 21.66 8.07 -5.31
C VAL A 209 22.63 9.15 -5.76
N ASN A 210 23.84 9.15 -5.18
CA ASN A 210 24.85 10.14 -5.50
C ASN A 210 26.24 9.60 -5.80
N GLY A 211 27.12 10.50 -6.23
CA GLY A 211 28.49 10.12 -6.54
C GLY A 211 28.63 9.05 -7.60
N VAL A 212 27.67 8.98 -8.50
CA VAL A 212 27.71 8.00 -9.58
C VAL A 212 27.24 8.70 -10.85
N ASP A 213 28.19 9.15 -11.66
CA ASP A 213 27.87 9.87 -12.89
C ASP A 213 26.94 9.09 -13.82
N GLY A 214 25.81 9.70 -14.17
CA GLY A 214 24.87 9.06 -15.07
C GLY A 214 23.74 8.27 -14.44
N TYR A 215 23.75 8.13 -13.12
CA TYR A 215 22.69 7.39 -12.46
C TYR A 215 22.24 8.11 -11.20
N ASP A 216 22.74 9.33 -11.00
CA ASP A 216 22.36 10.10 -9.83
C ASP A 216 20.86 10.42 -9.84
N TYR A 217 20.31 10.71 -8.68
CA TYR A 217 18.89 10.97 -8.58
C TYR A 217 18.62 11.75 -7.33
N SER A 218 17.93 12.86 -7.50
CA SER A 218 17.60 13.75 -6.39
C SER A 218 16.34 13.35 -5.62
N ARG A 219 16.20 13.83 -4.40
CA ARG A 219 15.03 13.54 -3.58
C ARG A 219 13.82 14.29 -4.12
N GLY A 220 14.02 15.55 -4.53
CA GLY A 220 12.94 16.36 -5.09
C GLY A 220 12.56 15.86 -6.46
N GLN A 221 13.50 15.19 -7.11
CA GLN A 221 13.29 14.63 -8.43
C GLN A 221 12.22 13.53 -8.41
N LEU A 222 12.01 12.91 -7.24
CA LEU A 222 11.00 11.86 -7.09
C LEU A 222 9.63 12.52 -7.28
N ILE A 223 9.43 13.63 -6.60
CA ILE A 223 8.15 14.33 -6.70
C ILE A 223 7.78 14.67 -8.13
N GLU A 224 8.73 15.08 -8.95
CA GLU A 224 8.37 15.43 -10.32
C GLU A 224 8.22 14.24 -11.27
N ASP A 225 8.95 13.17 -11.02
CA ASP A 225 8.77 12.00 -11.89
C ASP A 225 7.43 11.33 -11.58
N VAL A 226 7.00 11.45 -10.33
CA VAL A 226 5.72 10.87 -9.91
C VAL A 226 4.63 11.70 -10.62
N GLU A 227 4.66 13.00 -10.42
CA GLU A 227 3.66 13.87 -11.04
C GLU A 227 3.65 13.81 -12.55
N HIS A 228 4.81 13.66 -13.17
CA HIS A 228 4.89 13.61 -14.63
C HIS A 228 4.31 12.29 -15.12
N THR A 229 4.64 11.22 -14.44
CA THR A 229 4.11 9.92 -14.83
C THR A 229 2.59 9.84 -14.52
N PHE A 230 2.16 10.50 -13.46
CA PHE A 230 0.76 10.49 -13.09
C PHE A 230 -0.13 11.14 -14.17
N GLU A 231 0.37 12.22 -14.76
CA GLU A 231 -0.36 12.93 -15.83
C GLU A 231 -0.71 11.99 -16.96
N GLU A 232 0.23 11.14 -17.34
CA GLU A 232 -0.01 10.18 -18.42
C GLU A 232 -1.02 9.09 -18.04
N ILE A 233 -1.25 8.90 -16.76
CA ILE A 233 -2.19 7.88 -16.30
C ILE A 233 -3.62 8.41 -16.23
N LYS A 234 -3.74 9.72 -16.08
CA LYS A 234 -5.05 10.37 -15.97
C LYS A 234 -6.14 9.99 -16.96
N PRO A 235 -5.83 9.94 -18.28
CA PRO A 235 -6.90 9.57 -19.21
C PRO A 235 -7.47 8.19 -18.93
N LEU A 236 -6.59 7.23 -18.69
CA LEU A 236 -7.05 5.89 -18.39
C LEU A 236 -7.91 5.92 -17.12
N TYR A 237 -7.46 6.60 -16.09
CA TYR A 237 -8.21 6.69 -14.85
C TYR A 237 -9.58 7.34 -15.00
N GLU A 238 -9.62 8.52 -15.64
CA GLU A 238 -10.88 9.24 -15.86
C GLU A 238 -11.93 8.35 -16.54
N HIS A 239 -11.51 7.53 -17.50
CA HIS A 239 -12.41 6.64 -18.21
C HIS A 239 -12.84 5.46 -17.34
N LEU A 240 -11.94 5.07 -16.46
CA LEU A 240 -12.22 3.98 -15.55
C LEU A 240 -13.23 4.59 -14.58
N HIS A 241 -12.97 5.81 -14.17
CA HIS A 241 -13.80 6.56 -13.24
C HIS A 241 -15.22 6.78 -13.78
N ALA A 242 -15.34 7.20 -15.04
CA ALA A 242 -16.62 7.46 -15.69
C ALA A 242 -17.39 6.16 -15.86
N TYR A 243 -16.68 5.09 -16.12
CA TYR A 243 -17.36 3.82 -16.30
C TYR A 243 -17.87 3.26 -14.97
N VAL A 244 -17.06 3.31 -13.91
CA VAL A 244 -17.58 2.76 -12.67
C VAL A 244 -18.61 3.72 -12.08
N ARG A 245 -18.41 5.03 -12.27
CA ARG A 245 -19.37 5.99 -11.76
C ARG A 245 -20.76 5.76 -12.38
N ALA A 246 -20.82 5.29 -13.63
CA ALA A 246 -22.12 5.00 -14.25
C ALA A 246 -22.72 3.71 -13.71
N LYS A 247 -21.86 2.76 -13.36
CA LYS A 247 -22.29 1.47 -12.83
C LYS A 247 -22.80 1.65 -11.41
N LEU A 248 -22.13 2.52 -10.64
CA LEU A 248 -22.54 2.77 -9.27
C LEU A 248 -23.86 3.53 -9.23
N MET A 249 -24.20 4.21 -10.33
CA MET A 249 -25.47 4.94 -10.38
C MET A 249 -26.62 3.94 -10.43
N ASN A 250 -26.43 2.83 -11.11
CA ASN A 250 -27.48 1.82 -11.17
C ASN A 250 -27.61 1.17 -9.80
N ALA A 251 -26.47 1.02 -9.12
CA ALA A 251 -26.45 0.40 -7.79
C ALA A 251 -27.00 1.29 -6.67
N TYR A 252 -26.86 2.60 -6.82
CA TYR A 252 -27.32 3.57 -5.83
C TYR A 252 -28.15 4.65 -6.53
N PRO A 253 -29.29 4.25 -7.12
CA PRO A 253 -30.19 5.14 -7.84
C PRO A 253 -30.46 6.46 -7.12
N SER A 254 -30.23 7.57 -7.83
CA SER A 254 -30.46 8.91 -7.30
C SER A 254 -29.53 9.44 -6.23
N TYR A 255 -28.41 8.76 -6.02
CA TYR A 255 -27.46 9.19 -5.01
C TYR A 255 -26.23 9.83 -5.64
N ILE A 256 -26.00 9.58 -6.91
CA ILE A 256 -24.80 10.09 -7.58
C ILE A 256 -25.04 10.89 -8.85
N SER A 257 -24.32 12.01 -8.99
CA SER A 257 -24.43 12.87 -10.16
C SER A 257 -23.64 12.31 -11.36
N PRO A 258 -24.18 12.48 -12.58
CA PRO A 258 -23.54 12.00 -13.81
C PRO A 258 -22.22 12.71 -14.07
N ILE A 259 -22.04 13.86 -13.45
CA ILE A 259 -20.82 14.62 -13.66
C ILE A 259 -20.00 14.79 -12.38
N GLY A 260 -20.48 14.22 -11.28
CA GLY A 260 -19.77 14.40 -10.03
C GLY A 260 -18.78 13.35 -9.58
N CYS A 261 -18.05 13.71 -8.53
CA CYS A 261 -17.07 12.82 -7.92
C CYS A 261 -17.84 11.64 -7.30
N LEU A 262 -17.12 10.54 -7.06
CA LEU A 262 -17.70 9.36 -6.46
C LEU A 262 -17.74 9.60 -4.97
N PRO A 263 -18.88 9.32 -4.33
CA PRO A 263 -18.94 9.53 -2.88
C PRO A 263 -17.95 8.57 -2.20
N ALA A 264 -17.14 9.12 -1.31
CA ALA A 264 -16.12 8.36 -0.60
C ALA A 264 -16.50 7.02 0.07
N HIS A 265 -17.74 6.91 0.56
CA HIS A 265 -18.18 5.68 1.24
C HIS A 265 -18.72 4.57 0.38
N LEU A 266 -18.71 4.74 -0.94
CA LEU A 266 -19.25 3.72 -1.83
C LEU A 266 -18.19 2.97 -2.66
N LEU A 267 -16.93 2.99 -2.25
CA LEU A 267 -15.89 2.40 -3.10
C LEU A 267 -15.35 1.00 -2.81
N GLY A 268 -15.88 0.29 -1.84
CA GLY A 268 -15.35 -1.06 -1.67
C GLY A 268 -14.48 -1.35 -0.49
N ASP A 269 -13.94 -0.32 0.13
CA ASP A 269 -13.18 -0.53 1.35
C ASP A 269 -13.36 0.76 2.12
N MET A 270 -12.80 0.83 3.30
CA MET A 270 -13.01 1.99 4.14
C MET A 270 -12.50 3.33 3.62
N TRP A 271 -11.66 3.33 2.59
CA TRP A 271 -11.06 4.57 2.12
C TRP A 271 -11.12 4.76 0.60
N GLY A 272 -11.32 3.67 -0.12
CA GLY A 272 -11.29 3.75 -1.56
C GLY A 272 -9.84 3.52 -2.01
N ARG A 273 -9.06 2.85 -1.19
CA ARG A 273 -7.68 2.56 -1.52
C ARG A 273 -7.63 1.69 -2.76
N PHE A 274 -8.53 0.71 -2.81
CA PHE A 274 -8.63 -0.20 -3.97
C PHE A 274 -10.12 -0.25 -4.31
N TRP A 275 -10.47 -0.45 -5.57
CA TRP A 275 -11.88 -0.55 -5.97
C TRP A 275 -12.20 -2.01 -6.24
N THR A 276 -11.28 -2.87 -5.81
CA THR A 276 -11.42 -4.32 -5.98
C THR A 276 -12.84 -4.83 -5.73
N ASN A 277 -13.41 -4.46 -4.59
CA ASN A 277 -14.75 -4.94 -4.24
C ASN A 277 -15.91 -4.38 -5.04
N LEU A 278 -15.62 -3.50 -5.99
CA LEU A 278 -16.65 -2.93 -6.86
C LEU A 278 -16.82 -3.86 -8.04
N TYR A 279 -16.21 -5.03 -8.00
CA TYR A 279 -16.30 -5.92 -9.15
C TYR A 279 -17.70 -6.47 -9.47
N SER A 280 -18.44 -6.89 -8.46
CA SER A 280 -19.79 -7.40 -8.70
C SER A 280 -20.75 -6.33 -9.24
N LEU A 281 -20.47 -5.07 -8.96
CA LEU A 281 -21.31 -3.99 -9.41
C LEU A 281 -20.83 -3.42 -10.75
N THR A 282 -19.60 -3.74 -11.15
CA THR A 282 -19.06 -3.18 -12.40
C THR A 282 -18.67 -4.17 -13.49
N VAL A 283 -18.66 -5.46 -13.18
CA VAL A 283 -18.27 -6.47 -14.17
C VAL A 283 -18.94 -6.32 -15.55
N PRO A 284 -18.13 -6.06 -16.60
CA PRO A 284 -18.56 -5.88 -18.00
C PRO A 284 -19.49 -6.97 -18.57
N PHE A 285 -19.17 -8.24 -18.29
CA PHE A 285 -19.98 -9.35 -18.79
C PHE A 285 -20.17 -10.38 -17.69
N GLY A 286 -21.13 -10.13 -16.81
CA GLY A 286 -21.40 -11.00 -15.70
C GLY A 286 -21.71 -12.46 -15.99
N GLN A 287 -22.02 -12.78 -17.24
CA GLN A 287 -22.35 -14.14 -17.62
C GLN A 287 -21.12 -15.01 -17.85
N LYS A 288 -20.06 -14.42 -18.41
CA LYS A 288 -18.83 -15.15 -18.67
C LYS A 288 -18.22 -15.63 -17.36
N PRO A 289 -17.75 -16.89 -17.34
CA PRO A 289 -17.12 -17.50 -16.16
C PRO A 289 -15.73 -16.91 -15.88
N ASN A 290 -15.52 -16.50 -14.64
CA ASN A 290 -14.25 -15.95 -14.21
C ASN A 290 -13.28 -17.11 -13.98
N ILE A 291 -12.22 -17.20 -14.78
CA ILE A 291 -11.25 -18.30 -14.64
C ILE A 291 -10.88 -18.54 -13.17
N ASP A 292 -11.07 -19.77 -12.71
CA ASP A 292 -10.79 -20.11 -11.33
C ASP A 292 -10.55 -21.62 -11.15
N VAL A 293 -9.29 -22.03 -11.20
CA VAL A 293 -8.93 -23.44 -11.08
C VAL A 293 -8.93 -24.00 -9.65
N THR A 294 -9.44 -23.24 -8.69
CA THR A 294 -9.44 -23.68 -7.30
C THR A 294 -10.26 -24.95 -7.07
N ASP A 295 -10.78 -25.50 -8.17
CA ASP A 295 -11.59 -26.73 -8.14
C ASP A 295 -10.85 -27.83 -8.86
N ALA A 296 -10.20 -27.48 -9.96
CA ALA A 296 -9.43 -28.44 -10.75
C ALA A 296 -8.22 -28.92 -9.96
N MET A 297 -7.82 -28.13 -8.97
CA MET A 297 -6.67 -28.47 -8.13
C MET A 297 -7.13 -29.59 -7.20
N VAL A 298 -8.31 -29.41 -6.63
CA VAL A 298 -8.87 -30.40 -5.73
C VAL A 298 -9.02 -31.76 -6.41
N ASP A 299 -9.81 -31.80 -7.50
CA ASP A 299 -10.03 -33.04 -8.23
C ASP A 299 -8.74 -33.75 -8.64
N GLN A 300 -7.63 -33.05 -8.61
CA GLN A 300 -6.35 -33.66 -8.96
C GLN A 300 -5.57 -33.99 -7.70
N ALA A 301 -6.22 -33.81 -6.57
CA ALA A 301 -5.62 -34.09 -5.27
C ALA A 301 -4.32 -33.33 -5.12
N TRP A 302 -4.39 -32.02 -5.22
CA TRP A 302 -3.21 -31.16 -5.07
C TRP A 302 -3.09 -30.73 -3.63
N ASP A 303 -1.86 -30.57 -3.16
CA ASP A 303 -1.60 -30.16 -1.78
C ASP A 303 -0.50 -29.12 -1.74
N ALA A 304 -0.27 -28.58 -0.56
CA ALA A 304 0.74 -27.57 -0.32
C ALA A 304 2.05 -27.90 -1.03
N GLN A 305 2.55 -29.10 -0.82
CA GLN A 305 3.81 -29.52 -1.43
C GLN A 305 3.80 -29.37 -2.94
N ARG A 306 2.72 -29.81 -3.58
CA ARG A 306 2.59 -29.75 -5.03
C ARG A 306 2.53 -28.28 -5.49
N ILE A 307 1.84 -27.45 -4.71
CA ILE A 307 1.75 -26.04 -5.03
C ILE A 307 3.13 -25.39 -5.08
N PHE A 308 3.92 -25.55 -4.01
CA PHE A 308 5.27 -24.98 -3.96
C PHE A 308 6.25 -25.69 -4.87
N LYS A 309 5.96 -26.93 -5.21
CA LYS A 309 6.84 -27.69 -6.09
C LYS A 309 6.62 -27.19 -7.50
N GLU A 310 5.37 -26.81 -7.79
CA GLU A 310 5.05 -26.29 -9.12
C GLU A 310 5.63 -24.86 -9.27
N ALA A 311 5.61 -24.10 -8.18
CA ALA A 311 6.18 -22.75 -8.17
C ALA A 311 7.69 -22.89 -8.39
N GLU A 312 8.30 -23.83 -7.68
CA GLU A 312 9.73 -24.06 -7.82
C GLU A 312 10.07 -24.43 -9.26
N LYS A 313 9.21 -25.24 -9.87
CA LYS A 313 9.44 -25.66 -11.25
C LYS A 313 9.32 -24.47 -12.21
N PHE A 314 8.47 -23.50 -11.84
CA PHE A 314 8.29 -22.33 -12.67
C PHE A 314 9.59 -21.53 -12.79
N PHE A 315 10.29 -21.34 -11.67
CA PHE A 315 11.54 -20.58 -11.68
C PHE A 315 12.68 -21.28 -12.41
N VAL A 316 12.88 -22.56 -12.08
CA VAL A 316 13.92 -23.35 -12.73
C VAL A 316 13.70 -23.27 -14.24
N SER A 317 12.45 -23.23 -14.66
CA SER A 317 12.14 -23.17 -16.09
C SER A 317 12.72 -21.93 -16.77
N VAL A 318 13.05 -20.89 -15.99
CA VAL A 318 13.65 -19.70 -16.61
C VAL A 318 15.11 -19.48 -16.21
N GLY A 319 15.75 -20.53 -15.68
CA GLY A 319 17.16 -20.42 -15.32
C GLY A 319 17.52 -20.15 -13.86
N LEU A 320 16.52 -19.97 -13.00
CA LEU A 320 16.79 -19.72 -11.60
C LEU A 320 16.99 -21.08 -10.94
N PRO A 321 17.62 -21.10 -9.75
CA PRO A 321 17.89 -22.32 -8.98
C PRO A 321 16.71 -22.89 -8.21
N ASN A 322 16.82 -24.17 -7.87
CA ASN A 322 15.80 -24.89 -7.11
C ASN A 322 15.80 -24.27 -5.72
N MET A 323 14.75 -24.52 -4.96
CA MET A 323 14.71 -24.02 -3.59
C MET A 323 15.83 -24.79 -2.88
N THR A 324 16.33 -24.29 -1.75
CA THR A 324 17.37 -25.03 -1.06
C THR A 324 16.83 -26.16 -0.24
N GLN A 325 17.73 -27.09 0.07
CA GLN A 325 17.42 -28.24 0.93
C GLN A 325 17.34 -27.51 2.26
N GLY A 326 16.26 -27.69 3.00
CA GLY A 326 16.20 -26.96 4.26
C GLY A 326 15.07 -25.98 4.11
N PHE A 327 14.94 -25.38 2.93
CA PHE A 327 13.83 -24.51 2.67
C PHE A 327 12.65 -25.47 2.80
N TRP A 328 12.75 -26.61 2.13
CA TRP A 328 11.69 -27.63 2.20
C TRP A 328 11.53 -28.25 3.60
N GLU A 329 12.64 -28.34 4.33
CA GLU A 329 12.61 -28.92 5.67
C GLU A 329 12.23 -27.96 6.80
N ASN A 330 12.68 -26.71 6.69
CA ASN A 330 12.39 -25.73 7.73
C ASN A 330 11.12 -24.91 7.51
N SER A 331 10.59 -24.92 6.29
CA SER A 331 9.39 -24.16 5.96
C SER A 331 8.12 -24.74 6.55
N MET A 332 7.21 -23.87 6.95
CA MET A 332 5.92 -24.28 7.46
C MET A 332 4.96 -23.91 6.33
N LEU A 333 4.74 -24.85 5.43
CA LEU A 333 3.86 -24.66 4.28
C LEU A 333 2.37 -24.93 4.56
N THR A 334 2.04 -25.35 5.78
CA THR A 334 0.65 -25.66 6.16
C THR A 334 0.32 -25.26 7.59
N ASP A 335 -0.95 -24.94 7.87
CA ASP A 335 -1.34 -24.57 9.21
C ASP A 335 -1.30 -25.83 10.06
N PRO A 336 -0.53 -25.81 11.16
CA PRO A 336 -0.38 -26.95 12.07
C PRO A 336 -1.68 -27.30 12.81
N GLY A 337 -2.72 -26.50 12.57
CA GLY A 337 -4.01 -26.73 13.19
C GLY A 337 -4.13 -26.19 14.60
N ASN A 338 -4.80 -26.96 15.45
CA ASN A 338 -5.02 -26.60 16.86
C ASN A 338 -3.83 -26.99 17.72
N VAL A 339 -3.62 -26.23 18.79
CA VAL A 339 -2.52 -26.49 19.73
C VAL A 339 -1.18 -26.08 19.12
N GLN A 340 -1.23 -25.55 17.91
CA GLN A 340 -0.04 -25.09 17.19
C GLN A 340 -0.35 -23.75 16.57
N LYS A 341 -0.91 -22.85 17.38
CA LYS A 341 -1.26 -21.52 16.92
C LYS A 341 -0.06 -20.86 16.25
N ALA A 342 -0.32 -20.15 15.16
CA ALA A 342 0.72 -19.46 14.42
C ALA A 342 0.09 -18.33 13.62
N VAL A 343 0.90 -17.36 13.22
CA VAL A 343 0.38 -16.27 12.42
C VAL A 343 0.40 -16.82 10.99
N CYS A 344 -0.74 -16.73 10.30
CA CYS A 344 -0.83 -17.27 8.94
C CYS A 344 -0.61 -16.29 7.79
N HIS A 345 -0.26 -15.05 8.09
CA HIS A 345 0.01 -14.09 7.02
C HIS A 345 1.15 -14.68 6.20
N PRO A 346 0.96 -14.83 4.89
CA PRO A 346 2.03 -15.39 4.04
C PRO A 346 3.28 -14.51 4.19
N THR A 347 4.45 -15.13 4.35
CA THR A 347 5.68 -14.36 4.50
C THR A 347 6.90 -15.15 4.03
N ALA A 348 7.84 -14.43 3.43
CA ALA A 348 9.09 -15.03 2.92
C ALA A 348 10.22 -14.61 3.85
N TRP A 349 10.99 -15.58 4.34
CA TRP A 349 12.04 -15.24 5.27
C TRP A 349 13.46 -15.44 4.78
N ASP A 350 14.31 -14.49 5.13
CA ASP A 350 15.73 -14.53 4.82
C ASP A 350 16.35 -14.42 6.22
N LEU A 351 16.51 -15.54 6.90
CA LEU A 351 17.03 -15.51 8.27
C LEU A 351 18.50 -15.21 8.39
N GLY A 352 19.23 -15.41 7.31
CA GLY A 352 20.66 -15.18 7.32
C GLY A 352 21.38 -16.48 7.09
N LYS A 353 22.71 -16.37 6.96
CA LYS A 353 23.58 -17.51 6.74
C LYS A 353 23.01 -18.58 5.81
N GLY A 354 22.51 -18.14 4.64
CA GLY A 354 21.94 -19.05 3.67
C GLY A 354 20.67 -19.78 4.07
N ASP A 355 19.98 -19.29 5.09
CA ASP A 355 18.75 -19.92 5.56
C ASP A 355 17.51 -19.19 5.02
N PHE A 356 16.78 -19.83 4.12
CA PHE A 356 15.60 -19.23 3.51
C PHE A 356 14.36 -20.06 3.82
N ARG A 357 13.26 -19.41 4.15
CA ARG A 357 12.02 -20.14 4.46
C ARG A 357 10.77 -19.36 4.13
N ILE A 358 9.71 -20.09 3.82
CA ILE A 358 8.40 -19.48 3.58
C ILE A 358 7.45 -20.00 4.66
N LEU A 359 6.72 -19.08 5.26
CA LEU A 359 5.74 -19.37 6.29
C LEU A 359 4.39 -19.02 5.69
N MET A 360 3.54 -20.02 5.53
CA MET A 360 2.23 -19.80 4.95
C MET A 360 1.33 -20.99 5.22
N CYS A 361 0.11 -20.71 5.69
CA CYS A 361 -0.85 -21.79 5.96
C CYS A 361 -1.57 -21.99 4.65
N THR A 362 -0.92 -22.71 3.75
CA THR A 362 -1.41 -22.98 2.41
C THR A 362 -2.70 -23.79 2.30
N LYS A 363 -3.63 -23.27 1.51
CA LYS A 363 -4.92 -23.90 1.24
C LYS A 363 -4.90 -24.27 -0.25
N VAL A 364 -5.64 -25.31 -0.63
CA VAL A 364 -5.66 -25.74 -2.02
C VAL A 364 -6.59 -24.86 -2.87
N THR A 365 -6.21 -23.60 -3.06
CA THR A 365 -6.99 -22.66 -3.84
C THR A 365 -6.15 -22.05 -4.94
N MET A 366 -6.80 -21.41 -5.90
CA MET A 366 -6.06 -20.75 -6.98
C MET A 366 -5.31 -19.59 -6.36
N ASP A 367 -5.98 -18.87 -5.46
CA ASP A 367 -5.36 -17.74 -4.80
C ASP A 367 -4.05 -18.08 -4.07
N ASP A 368 -3.98 -19.24 -3.43
CA ASP A 368 -2.77 -19.61 -2.70
C ASP A 368 -1.69 -20.17 -3.61
N PHE A 369 -2.09 -20.57 -4.80
CA PHE A 369 -1.15 -21.10 -5.78
C PHE A 369 -0.38 -19.90 -6.36
N LEU A 370 -1.05 -18.75 -6.43
CA LEU A 370 -0.46 -17.52 -6.96
C LEU A 370 0.36 -16.83 -5.87
N THR A 371 -0.11 -16.92 -4.63
CA THR A 371 0.61 -16.30 -3.52
C THR A 371 1.94 -17.03 -3.31
N ALA A 372 1.93 -18.33 -3.57
CA ALA A 372 3.13 -19.14 -3.44
C ALA A 372 4.18 -18.68 -4.45
N HIS A 373 3.75 -18.37 -5.66
CA HIS A 373 4.67 -17.90 -6.69
C HIS A 373 5.19 -16.52 -6.28
N HIS A 374 4.28 -15.64 -5.88
CA HIS A 374 4.67 -14.31 -5.44
C HIS A 374 5.70 -14.44 -4.33
N GLU A 375 5.35 -15.18 -3.26
CA GLU A 375 6.26 -15.36 -2.14
C GLU A 375 7.54 -16.10 -2.52
N MET A 376 7.46 -17.11 -3.37
CA MET A 376 8.70 -17.75 -3.73
C MET A 376 9.53 -16.77 -4.56
N GLY A 377 8.88 -15.73 -5.08
CA GLY A 377 9.59 -14.74 -5.89
C GLY A 377 10.54 -13.98 -5.00
N HIS A 378 10.08 -13.68 -3.80
CA HIS A 378 10.88 -12.98 -2.80
C HIS A 378 12.11 -13.77 -2.38
N ILE A 379 11.91 -15.08 -2.20
CA ILE A 379 13.00 -15.94 -1.78
C ILE A 379 14.10 -15.90 -2.84
N GLN A 380 13.67 -16.05 -4.08
CA GLN A 380 14.55 -16.04 -5.22
C GLN A 380 15.42 -14.78 -5.18
N TYR A 381 14.78 -13.66 -4.93
CA TYR A 381 15.44 -12.38 -4.86
C TYR A 381 16.44 -12.41 -3.71
N ASP A 382 16.02 -12.99 -2.58
CA ASP A 382 16.90 -13.09 -1.42
C ASP A 382 18.14 -13.95 -1.69
N MET A 383 17.93 -15.04 -2.42
CA MET A 383 19.00 -15.95 -2.75
C MET A 383 19.98 -15.32 -3.74
N ALA A 384 19.44 -14.62 -4.72
CA ALA A 384 20.26 -13.99 -5.75
C ALA A 384 21.26 -13.00 -5.17
N TYR A 385 20.92 -12.31 -4.10
CA TYR A 385 21.86 -11.34 -3.54
C TYR A 385 22.48 -11.76 -2.19
N ALA A 386 22.39 -13.04 -1.86
CA ALA A 386 22.94 -13.53 -0.60
C ALA A 386 24.46 -13.30 -0.44
N ALA A 387 25.18 -13.18 -1.55
CA ALA A 387 26.64 -12.98 -1.49
C ALA A 387 27.05 -11.54 -1.23
N GLN A 388 26.10 -10.62 -1.31
CA GLN A 388 26.41 -9.21 -1.06
C GLN A 388 26.66 -9.02 0.43
N PRO A 389 27.40 -7.99 0.83
CA PRO A 389 27.55 -7.87 2.28
C PRO A 389 26.17 -7.60 2.93
N PHE A 390 26.04 -8.01 4.19
CA PHE A 390 24.83 -7.86 4.98
C PHE A 390 23.96 -6.63 4.70
N LEU A 391 24.55 -5.46 4.83
CA LEU A 391 23.84 -4.21 4.63
C LEU A 391 23.35 -3.93 3.20
N LEU A 392 23.87 -4.68 2.22
CA LEU A 392 23.44 -4.46 0.84
C LEU A 392 22.46 -5.54 0.39
N ARG A 393 22.04 -6.38 1.33
CA ARG A 393 21.10 -7.42 0.99
C ARG A 393 19.65 -6.93 1.14
N ASN A 394 19.14 -6.33 0.07
CA ASN A 394 17.77 -5.84 0.06
C ASN A 394 17.45 -5.44 -1.38
N GLY A 395 16.20 -5.08 -1.65
CA GLY A 395 15.85 -4.67 -3.00
C GLY A 395 16.56 -3.37 -3.37
N ALA A 396 16.75 -3.11 -4.66
CA ALA A 396 17.43 -1.88 -5.13
C ALA A 396 16.87 -0.67 -4.39
N ASN A 397 15.54 -0.58 -4.28
CA ASN A 397 14.92 0.46 -3.46
C ASN A 397 13.60 -0.09 -2.87
N GLU A 398 12.95 0.70 -2.02
CA GLU A 398 11.72 0.28 -1.34
C GLU A 398 10.68 -0.40 -2.19
N GLY A 399 10.64 -0.06 -3.47
CA GLY A 399 9.64 -0.66 -4.33
C GLY A 399 10.00 -1.82 -5.22
N PHE A 400 11.22 -2.37 -5.16
CA PHE A 400 11.61 -3.51 -6.03
C PHE A 400 11.12 -4.95 -5.64
N HIS A 401 11.23 -5.32 -4.37
CA HIS A 401 10.85 -6.65 -3.89
C HIS A 401 9.40 -7.02 -4.25
N GLU A 402 8.44 -6.16 -3.92
CA GLU A 402 7.06 -6.46 -4.25
C GLU A 402 6.82 -6.43 -5.77
N ALA A 403 7.56 -5.60 -6.50
CA ALA A 403 7.38 -5.59 -7.94
C ALA A 403 7.80 -6.97 -8.45
N VAL A 404 8.90 -7.49 -7.89
CA VAL A 404 9.38 -8.81 -8.29
C VAL A 404 8.36 -9.91 -7.92
N GLY A 405 7.78 -9.79 -6.73
CA GLY A 405 6.79 -10.76 -6.31
C GLY A 405 5.53 -10.73 -7.17
N GLU A 406 5.00 -9.53 -7.45
CA GLU A 406 3.79 -9.36 -8.26
C GLU A 406 3.96 -9.89 -9.69
N ILE A 407 5.16 -9.76 -10.19
CA ILE A 407 5.49 -10.22 -11.53
C ILE A 407 5.27 -11.72 -11.67
N MET A 408 5.55 -12.48 -10.61
CA MET A 408 5.39 -13.92 -10.69
C MET A 408 3.94 -14.37 -10.80
N SER A 409 3.02 -13.74 -10.06
CA SER A 409 1.62 -14.11 -10.12
C SER A 409 1.05 -13.80 -11.49
N LEU A 410 1.51 -12.69 -12.06
CA LEU A 410 1.04 -12.29 -13.38
C LEU A 410 1.21 -13.45 -14.36
N SER A 411 2.42 -13.98 -14.49
CA SER A 411 2.65 -15.09 -15.41
C SER A 411 1.90 -16.39 -15.04
N ALA A 412 1.82 -16.65 -13.76
CA ALA A 412 1.19 -17.87 -13.27
C ALA A 412 -0.33 -17.94 -13.42
N ALA A 413 -1.00 -16.80 -13.44
CA ALA A 413 -2.46 -16.77 -13.59
C ALA A 413 -2.94 -16.79 -15.05
N THR A 414 -2.05 -16.50 -16.00
CA THR A 414 -2.47 -16.49 -17.39
C THR A 414 -3.11 -17.82 -17.80
N PRO A 415 -4.14 -17.77 -18.65
CA PRO A 415 -4.82 -18.98 -19.13
C PRO A 415 -3.81 -19.96 -19.72
N LYS A 416 -2.85 -19.40 -20.46
CA LYS A 416 -1.82 -20.19 -21.12
C LYS A 416 -0.95 -20.94 -20.14
N HIS A 417 -0.74 -20.37 -18.96
CA HIS A 417 0.09 -21.05 -17.98
C HIS A 417 -0.71 -22.16 -17.32
N LEU A 418 -1.93 -21.86 -16.92
CA LEU A 418 -2.81 -22.85 -16.29
C LEU A 418 -3.05 -24.05 -17.19
N LYS A 419 -2.98 -23.85 -18.51
CA LYS A 419 -3.18 -24.97 -19.41
C LYS A 419 -1.96 -25.88 -19.40
N SER A 420 -0.80 -25.34 -19.77
CA SER A 420 0.44 -26.10 -19.80
C SER A 420 0.72 -26.87 -18.51
N ILE A 421 0.07 -26.44 -17.44
CA ILE A 421 0.24 -27.03 -16.13
C ILE A 421 -0.81 -28.12 -15.90
N GLY A 422 -1.83 -28.14 -16.74
CA GLY A 422 -2.88 -29.13 -16.61
C GLY A 422 -3.97 -28.80 -15.60
N LEU A 423 -4.02 -27.54 -15.18
CA LEU A 423 -5.03 -27.13 -14.22
C LEU A 423 -6.22 -26.51 -14.92
N LEU A 424 -6.03 -26.18 -16.19
CA LEU A 424 -7.10 -25.62 -17.02
C LEU A 424 -7.05 -26.40 -18.33
N SER A 425 -8.20 -26.93 -18.72
CA SER A 425 -8.28 -27.71 -19.95
C SER A 425 -8.22 -26.81 -21.16
N PRO A 426 -7.80 -27.35 -22.30
CA PRO A 426 -7.70 -26.57 -23.54
C PRO A 426 -9.11 -26.35 -24.11
N ASP A 427 -10.11 -26.61 -23.29
CA ASP A 427 -11.51 -26.46 -23.67
C ASP A 427 -12.10 -25.12 -23.22
N PHE A 428 -11.38 -24.44 -22.32
CA PHE A 428 -11.85 -23.15 -21.84
C PHE A 428 -11.46 -22.08 -22.85
N GLN A 429 -12.41 -21.68 -23.70
CA GLN A 429 -12.14 -20.68 -24.71
C GLN A 429 -12.04 -19.29 -24.12
N GLU A 430 -11.03 -18.55 -24.55
CA GLU A 430 -10.82 -17.19 -24.08
C GLU A 430 -11.50 -16.27 -25.09
N ASP A 431 -12.39 -15.40 -24.59
CA ASP A 431 -13.12 -14.47 -25.46
C ASP A 431 -12.54 -13.08 -25.34
N ASN A 432 -13.01 -12.15 -26.17
CA ASN A 432 -12.54 -10.79 -26.06
C ASN A 432 -13.26 -10.22 -24.83
N GLU A 433 -14.28 -10.94 -24.37
CA GLU A 433 -15.05 -10.53 -23.20
C GLU A 433 -14.45 -11.02 -21.88
N THR A 434 -13.92 -12.23 -21.87
CA THR A 434 -13.30 -12.78 -20.67
C THR A 434 -12.03 -11.99 -20.44
N GLU A 435 -11.53 -11.35 -21.51
CA GLU A 435 -10.33 -10.53 -21.47
C GLU A 435 -10.64 -9.18 -20.79
N ILE A 436 -11.64 -8.48 -21.31
CA ILE A 436 -12.01 -7.19 -20.74
C ILE A 436 -12.43 -7.38 -19.28
N ASN A 437 -13.09 -8.51 -19.00
CA ASN A 437 -13.53 -8.83 -17.64
C ASN A 437 -12.32 -8.94 -16.70
N PHE A 438 -11.22 -9.49 -17.23
CA PHE A 438 -10.02 -9.69 -16.45
C PHE A 438 -9.26 -8.38 -16.26
N LEU A 439 -9.14 -7.60 -17.33
CA LEU A 439 -8.45 -6.32 -17.32
C LEU A 439 -9.16 -5.28 -16.43
N LEU A 440 -10.50 -5.33 -16.42
CA LEU A 440 -11.30 -4.40 -15.62
C LEU A 440 -11.06 -4.81 -14.18
N LYS A 441 -11.10 -6.11 -13.90
CA LYS A 441 -10.87 -6.56 -12.53
C LYS A 441 -9.47 -6.09 -12.07
N GLN A 442 -8.48 -6.24 -12.94
CA GLN A 442 -7.11 -5.82 -12.64
C GLN A 442 -7.01 -4.33 -12.40
N ALA A 443 -7.70 -3.56 -13.24
CA ALA A 443 -7.66 -2.10 -13.15
C ALA A 443 -8.30 -1.53 -11.88
N LEU A 444 -9.36 -2.20 -11.38
CA LEU A 444 -10.05 -1.77 -10.17
C LEU A 444 -9.07 -1.75 -8.98
N THR A 445 -8.15 -2.70 -8.98
CA THR A 445 -7.15 -2.78 -7.92
C THR A 445 -5.91 -1.93 -8.28
N ILE A 446 -5.33 -2.25 -9.42
CA ILE A 446 -4.12 -1.58 -9.90
C ILE A 446 -4.22 -0.12 -10.31
N VAL A 447 -5.13 0.22 -11.22
CA VAL A 447 -5.27 1.61 -11.63
C VAL A 447 -6.02 2.46 -10.58
N GLY A 448 -7.10 1.92 -10.02
CA GLY A 448 -7.86 2.67 -9.04
C GLY A 448 -7.05 3.19 -7.86
N THR A 449 -6.03 2.44 -7.45
CA THR A 449 -5.21 2.84 -6.33
C THR A 449 -4.11 3.86 -6.63
N LEU A 450 -3.75 4.04 -7.89
CA LEU A 450 -2.69 5.00 -8.21
C LEU A 450 -3.02 6.44 -7.83
N PRO A 451 -4.19 6.94 -8.23
CA PRO A 451 -4.50 8.32 -7.85
C PRO A 451 -4.65 8.45 -6.35
N PHE A 452 -5.21 7.42 -5.71
CA PHE A 452 -5.41 7.46 -4.26
C PHE A 452 -4.06 7.51 -3.55
N THR A 453 -3.12 6.70 -4.04
CA THR A 453 -1.80 6.64 -3.45
C THR A 453 -1.02 7.93 -3.67
N TYR A 454 -1.00 8.43 -4.89
CA TYR A 454 -0.28 9.68 -5.15
C TYR A 454 -0.86 10.83 -4.33
N MET A 455 -2.18 10.96 -4.33
CA MET A 455 -2.79 12.05 -3.59
C MET A 455 -2.50 11.99 -2.09
N LEU A 456 -2.59 10.80 -1.49
CA LEU A 456 -2.31 10.69 -0.05
C LEU A 456 -0.87 11.13 0.24
N GLU A 457 0.12 10.59 -0.45
CA GLU A 457 1.50 11.01 -0.19
C GLU A 457 1.76 12.50 -0.47
N LYS A 458 1.10 13.03 -1.48
CA LYS A 458 1.26 14.45 -1.83
C LYS A 458 0.81 15.29 -0.64
N TRP A 459 -0.32 14.91 -0.06
CA TRP A 459 -0.83 15.64 1.09
C TRP A 459 0.18 15.61 2.24
N ARG A 460 0.78 14.45 2.50
CA ARG A 460 1.75 14.35 3.58
C ARG A 460 3.03 15.13 3.27
N TRP A 461 3.50 15.02 2.03
CA TRP A 461 4.69 15.75 1.62
C TRP A 461 4.50 17.25 1.90
N MET A 462 3.33 17.76 1.53
CA MET A 462 3.00 19.16 1.72
C MET A 462 2.83 19.52 3.18
N VAL A 463 2.23 18.62 3.95
CA VAL A 463 2.04 18.85 5.37
C VAL A 463 3.43 18.94 6.01
N PHE A 464 4.32 17.99 5.70
CA PHE A 464 5.66 18.01 6.29
C PHE A 464 6.45 19.26 5.87
N LYS A 465 6.23 19.74 4.64
CA LYS A 465 6.92 20.95 4.18
C LYS A 465 6.35 22.20 4.83
N GLY A 466 5.15 22.08 5.40
CA GLY A 466 4.54 23.24 6.04
C GLY A 466 3.72 24.11 5.07
N GLU A 467 3.31 23.55 3.94
CA GLU A 467 2.53 24.30 2.96
C GLU A 467 1.05 24.22 3.25
N ILE A 468 0.66 23.44 4.25
CA ILE A 468 -0.74 23.36 4.60
C ILE A 468 -0.86 23.57 6.10
N PRO A 469 -1.34 24.75 6.51
CA PRO A 469 -1.52 25.12 7.91
C PRO A 469 -2.47 24.15 8.60
N LYS A 470 -2.20 23.86 9.88
CA LYS A 470 -3.05 22.94 10.62
C LYS A 470 -4.53 23.25 10.37
N ASP A 471 -4.85 24.55 10.31
CA ASP A 471 -6.25 24.97 10.10
C ASP A 471 -6.82 24.71 8.72
N GLN A 472 -6.02 24.19 7.80
CA GLN A 472 -6.50 23.86 6.46
C GLN A 472 -6.22 22.39 6.08
N TRP A 473 -5.75 21.59 7.02
CA TRP A 473 -5.43 20.17 6.75
C TRP A 473 -6.58 19.43 6.08
N MET A 474 -7.71 19.30 6.77
CA MET A 474 -8.84 18.60 6.18
C MET A 474 -9.37 19.31 4.95
N LYS A 475 -9.42 20.64 4.99
CA LYS A 475 -9.92 21.38 3.85
C LYS A 475 -9.09 21.01 2.63
N LYS A 476 -7.77 21.07 2.78
CA LYS A 476 -6.90 20.74 1.67
C LYS A 476 -7.01 19.26 1.30
N TRP A 477 -7.19 18.40 2.30
CA TRP A 477 -7.31 16.96 2.05
C TRP A 477 -8.48 16.70 1.12
N TRP A 478 -9.66 17.22 1.46
CA TRP A 478 -10.84 17.00 0.62
C TRP A 478 -10.83 17.80 -0.67
N GLU A 479 -10.08 18.89 -0.71
CA GLU A 479 -9.98 19.67 -1.94
C GLU A 479 -9.19 18.77 -2.91
N MET A 480 -8.15 18.14 -2.37
CA MET A 480 -7.29 17.24 -3.14
C MET A 480 -7.98 15.92 -3.50
N LYS A 481 -8.82 15.39 -2.62
CA LYS A 481 -9.53 14.16 -2.96
C LYS A 481 -10.42 14.43 -4.19
N ARG A 482 -11.15 15.54 -4.16
CA ARG A 482 -12.06 15.95 -5.24
C ARG A 482 -11.34 16.23 -6.57
N GLU A 483 -10.24 16.95 -6.53
CA GLU A 483 -9.50 17.27 -7.76
C GLU A 483 -8.71 16.13 -8.41
N ILE A 484 -7.86 15.48 -7.62
CA ILE A 484 -6.99 14.41 -8.12
C ILE A 484 -7.63 13.04 -8.23
N VAL A 485 -8.36 12.65 -7.21
CA VAL A 485 -8.97 11.33 -7.16
C VAL A 485 -10.39 11.29 -7.72
N GLY A 486 -11.06 12.43 -7.69
CA GLY A 486 -12.43 12.51 -8.16
C GLY A 486 -13.34 11.78 -7.19
N VAL A 487 -13.13 12.04 -5.90
CA VAL A 487 -13.89 11.40 -4.84
C VAL A 487 -14.27 12.49 -3.87
N VAL A 488 -15.50 12.46 -3.36
CA VAL A 488 -15.99 13.47 -2.42
C VAL A 488 -16.50 12.90 -1.11
N GLU A 489 -16.21 13.62 -0.04
CA GLU A 489 -16.63 13.23 1.29
C GLU A 489 -18.16 13.39 1.35
N PRO A 490 -18.86 12.40 1.93
CA PRO A 490 -20.32 12.31 2.10
C PRO A 490 -20.83 13.34 3.10
N VAL A 491 -19.98 13.65 4.06
CA VAL A 491 -20.27 14.60 5.14
C VAL A 491 -19.16 15.64 5.17
N PRO A 492 -19.47 16.88 5.55
CA PRO A 492 -18.35 17.81 5.56
C PRO A 492 -17.53 17.62 6.84
N HIS A 493 -16.22 17.75 6.73
CA HIS A 493 -15.33 17.56 7.86
C HIS A 493 -14.47 18.79 8.18
N ASP A 494 -14.56 19.27 9.41
CA ASP A 494 -13.77 20.43 9.81
C ASP A 494 -12.39 19.98 10.31
N GLU A 495 -11.61 20.90 10.87
CA GLU A 495 -10.26 20.57 11.32
C GLU A 495 -10.21 19.74 12.59
N THR A 496 -11.38 19.34 13.05
CA THR A 496 -11.51 18.51 14.22
C THR A 496 -11.21 17.04 13.86
N TYR A 497 -11.36 16.73 12.58
CA TYR A 497 -11.12 15.40 12.02
C TYR A 497 -9.67 15.24 11.56
N CYS A 498 -9.28 14.01 11.28
CA CYS A 498 -7.96 13.70 10.76
C CYS A 498 -8.15 12.48 9.89
N ASP A 499 -8.86 12.68 8.79
CA ASP A 499 -9.18 11.59 7.90
C ASP A 499 -8.01 10.82 7.30
N PRO A 500 -6.87 11.47 7.04
CA PRO A 500 -5.80 10.63 6.49
C PRO A 500 -5.28 9.64 7.52
N ALA A 501 -5.29 10.05 8.79
CA ALA A 501 -4.80 9.20 9.87
C ALA A 501 -5.69 7.98 10.17
N SER A 502 -6.89 7.97 9.60
CA SER A 502 -7.79 6.84 9.82
C SER A 502 -7.40 5.70 8.88
N LEU A 503 -6.25 5.87 8.23
CA LEU A 503 -5.71 4.85 7.33
C LEU A 503 -4.51 4.29 8.07
N PHE A 504 -4.38 2.97 8.08
CA PHE A 504 -3.27 2.30 8.75
C PHE A 504 -1.86 2.91 8.53
N HIS A 505 -1.44 3.06 7.29
CA HIS A 505 -0.09 3.58 7.03
C HIS A 505 0.17 4.99 7.55
N VAL A 506 -0.88 5.80 7.63
CA VAL A 506 -0.71 7.15 8.13
C VAL A 506 -0.51 7.13 9.65
N SER A 507 -1.47 6.58 10.39
CA SER A 507 -1.31 6.56 11.85
C SER A 507 -0.22 5.57 12.30
N ASN A 508 0.24 4.68 11.44
CA ASN A 508 1.30 3.75 11.83
C ASN A 508 2.67 4.13 11.28
N ASP A 509 2.77 5.36 10.83
CA ASP A 509 4.04 5.92 10.38
C ASP A 509 4.85 5.17 9.30
N TYR A 510 4.18 4.77 8.21
CA TYR A 510 4.85 4.10 7.08
C TYR A 510 4.71 4.97 5.84
N SER A 511 5.77 5.07 5.05
CA SER A 511 5.68 5.87 3.84
C SER A 511 4.76 5.11 2.90
N PHE A 512 4.14 5.84 1.98
CA PHE A 512 3.17 5.28 1.06
C PHE A 512 3.53 5.31 -0.43
N ILE A 513 4.41 6.21 -0.86
CA ILE A 513 4.74 6.30 -2.30
C ILE A 513 5.24 5.01 -2.95
N ARG A 514 5.80 4.10 -2.15
CA ARG A 514 6.31 2.81 -2.66
C ARG A 514 5.26 2.01 -3.41
N TYR A 515 3.99 2.18 -3.07
CA TYR A 515 2.95 1.43 -3.78
C TYR A 515 2.77 2.02 -5.17
N TYR A 516 3.08 3.30 -5.31
CA TYR A 516 2.99 3.95 -6.61
C TYR A 516 4.17 3.46 -7.46
N THR A 517 5.40 3.60 -6.97
CA THR A 517 6.55 3.19 -7.76
C THR A 517 6.64 1.69 -8.08
N ARG A 518 6.30 0.85 -7.13
CA ARG A 518 6.35 -0.61 -7.32
C ARG A 518 5.42 -1.02 -8.47
N THR A 519 4.24 -0.39 -8.51
CA THR A 519 3.27 -0.64 -9.56
C THR A 519 3.86 -0.27 -10.92
N LEU A 520 4.46 0.91 -11.03
CA LEU A 520 5.06 1.22 -12.33
C LEU A 520 6.25 0.27 -12.59
N TYR A 521 7.02 -0.09 -11.57
CA TYR A 521 8.15 -1.00 -11.83
C TYR A 521 7.70 -2.36 -12.32
N GLN A 522 6.70 -2.93 -11.64
CA GLN A 522 6.26 -4.25 -12.04
C GLN A 522 5.90 -4.37 -13.51
N PHE A 523 5.29 -3.33 -14.09
CA PHE A 523 4.96 -3.48 -15.50
C PHE A 523 6.17 -3.24 -16.41
N GLN A 524 7.14 -2.48 -15.94
CA GLN A 524 8.36 -2.24 -16.73
C GLN A 524 9.11 -3.59 -16.77
N PHE A 525 9.23 -4.24 -15.61
CA PHE A 525 9.88 -5.52 -15.52
C PHE A 525 9.15 -6.50 -16.42
N GLN A 526 7.83 -6.58 -16.26
CA GLN A 526 7.06 -7.54 -17.06
C GLN A 526 7.13 -7.29 -18.55
N GLU A 527 7.08 -6.04 -18.98
CA GLU A 527 7.18 -5.75 -20.41
C GLU A 527 8.58 -6.20 -20.86
N ALA A 528 9.59 -5.88 -20.06
CA ALA A 528 10.97 -6.25 -20.39
C ALA A 528 11.16 -7.76 -20.47
N LEU A 529 10.74 -8.48 -19.44
CA LEU A 529 10.91 -9.93 -19.45
C LEU A 529 10.14 -10.58 -20.59
N CYS A 530 8.95 -10.10 -20.89
CA CYS A 530 8.16 -10.67 -21.96
C CYS A 530 8.75 -10.39 -23.35
N GLN A 531 9.38 -9.23 -23.52
CA GLN A 531 10.00 -8.97 -24.80
C GLN A 531 11.16 -9.95 -24.91
N ALA A 532 11.83 -10.22 -23.79
CA ALA A 532 12.96 -11.13 -23.77
C ALA A 532 12.49 -12.56 -23.91
N ALA A 533 11.19 -12.78 -23.78
CA ALA A 533 10.62 -14.11 -23.91
C ALA A 533 9.99 -14.28 -25.28
N LYS A 534 10.12 -13.26 -26.11
CA LYS A 534 9.56 -13.28 -27.45
C LYS A 534 8.02 -13.43 -27.43
N HIS A 535 7.37 -12.80 -26.43
CA HIS A 535 5.92 -12.88 -26.33
C HIS A 535 5.29 -12.14 -27.51
N GLU A 536 4.26 -12.73 -28.12
CA GLU A 536 3.64 -12.12 -29.28
C GLU A 536 2.44 -11.17 -29.10
N GLY A 537 1.35 -11.65 -28.51
CA GLY A 537 0.19 -10.77 -28.38
C GLY A 537 0.21 -9.71 -27.29
N PRO A 538 -0.97 -9.34 -26.78
CA PRO A 538 -1.15 -8.34 -25.71
C PRO A 538 -0.32 -8.71 -24.47
N LEU A 539 0.31 -7.70 -23.88
CA LEU A 539 1.13 -7.92 -22.70
C LEU A 539 0.45 -8.71 -21.57
N HIS A 540 -0.84 -8.49 -21.33
CA HIS A 540 -1.48 -9.22 -20.21
C HIS A 540 -1.59 -10.73 -20.35
N LYS A 541 -1.31 -11.26 -21.53
CA LYS A 541 -1.42 -12.70 -21.76
C LYS A 541 -0.06 -13.40 -21.63
N CYS A 542 0.98 -12.63 -21.34
CA CYS A 542 2.31 -13.18 -21.26
C CYS A 542 2.63 -14.11 -20.11
N ASP A 543 3.47 -15.09 -20.40
CA ASP A 543 3.91 -16.06 -19.43
C ASP A 543 5.43 -16.16 -19.67
N ILE A 544 6.24 -15.93 -18.65
CA ILE A 544 7.68 -15.99 -18.90
C ILE A 544 8.33 -17.37 -18.75
N SER A 545 7.52 -18.40 -18.50
CA SER A 545 8.03 -19.77 -18.33
C SER A 545 8.83 -20.23 -19.54
N ASN A 546 9.88 -21.01 -19.28
CA ASN A 546 10.75 -21.54 -20.34
C ASN A 546 11.76 -20.53 -20.85
N SER A 547 11.60 -19.27 -20.52
CA SER A 547 12.54 -18.29 -21.03
C SER A 547 13.74 -18.02 -20.12
N THR A 548 14.87 -18.67 -20.42
CA THR A 548 16.09 -18.46 -19.65
C THR A 548 16.63 -17.07 -20.01
N GLU A 549 16.21 -16.55 -21.15
CA GLU A 549 16.66 -15.22 -21.52
C GLU A 549 15.98 -14.22 -20.58
N ALA A 550 14.74 -14.52 -20.20
CA ALA A 550 13.99 -13.66 -19.30
C ALA A 550 14.59 -13.77 -17.90
N GLY A 551 14.78 -15.01 -17.46
CA GLY A 551 15.35 -15.26 -16.15
C GLY A 551 16.77 -14.71 -15.99
N GLN A 552 17.50 -14.60 -17.08
CA GLN A 552 18.86 -14.07 -17.01
C GLN A 552 18.80 -12.57 -16.78
N LYS A 553 17.98 -11.89 -17.58
CA LYS A 553 17.82 -10.44 -17.44
C LYS A 553 17.33 -10.13 -16.04
N LEU A 554 16.38 -10.93 -15.54
CA LEU A 554 15.85 -10.71 -14.20
C LEU A 554 16.98 -10.86 -13.18
N PHE A 555 17.72 -11.95 -13.29
CA PHE A 555 18.81 -12.23 -12.37
C PHE A 555 19.95 -11.21 -12.33
N ASN A 556 20.19 -10.50 -13.42
CA ASN A 556 21.26 -9.50 -13.46
C ASN A 556 21.01 -8.37 -12.46
N MET A 557 19.74 -8.05 -12.22
CA MET A 557 19.46 -6.99 -11.25
C MET A 557 19.19 -7.58 -9.87
N LEU A 558 18.67 -8.81 -9.84
CA LEU A 558 18.37 -9.50 -8.60
C LEU A 558 19.64 -9.71 -7.71
N ARG A 559 20.73 -10.19 -8.31
CA ARG A 559 21.94 -10.43 -7.53
C ARG A 559 22.61 -9.16 -7.02
N LEU A 560 22.20 -8.01 -7.56
CA LEU A 560 22.77 -6.74 -7.14
C LEU A 560 22.37 -6.35 -5.71
N GLY A 561 21.20 -6.80 -5.28
CA GLY A 561 20.75 -6.37 -3.99
C GLY A 561 20.68 -4.86 -4.07
N LYS A 562 21.21 -4.18 -3.07
CA LYS A 562 21.24 -2.74 -3.08
C LYS A 562 22.69 -2.23 -3.26
N SER A 563 23.54 -3.02 -3.92
CA SER A 563 24.94 -2.61 -4.14
C SER A 563 25.10 -1.59 -5.28
N GLU A 564 24.08 -1.44 -6.11
CA GLU A 564 24.13 -0.49 -7.21
C GLU A 564 22.99 0.50 -7.10
N PRO A 565 23.07 1.62 -7.81
CA PRO A 565 21.97 2.59 -7.73
C PRO A 565 20.75 1.87 -8.29
N TRP A 566 19.56 2.15 -7.75
CA TRP A 566 18.35 1.47 -8.24
C TRP A 566 18.15 1.82 -9.71
N THR A 567 18.57 3.02 -10.09
CA THR A 567 18.47 3.45 -11.48
C THR A 567 19.26 2.51 -12.41
N LEU A 568 20.32 1.92 -11.91
CA LEU A 568 21.12 1.00 -12.69
C LEU A 568 20.50 -0.41 -12.65
N ALA A 569 20.01 -0.82 -11.48
CA ALA A 569 19.37 -2.14 -11.37
C ALA A 569 18.19 -2.17 -12.31
N LEU A 570 17.43 -1.08 -12.38
CA LEU A 570 16.29 -1.01 -13.30
C LEU A 570 16.80 -1.19 -14.71
N GLU A 571 17.80 -0.38 -15.06
CA GLU A 571 18.40 -0.41 -16.39
C GLU A 571 18.85 -1.80 -16.79
N ASN A 572 19.48 -2.52 -15.85
CA ASN A 572 19.92 -3.87 -16.17
C ASN A 572 18.77 -4.75 -16.63
N VAL A 573 17.55 -4.39 -16.23
CA VAL A 573 16.38 -5.18 -16.61
C VAL A 573 15.53 -4.60 -17.73
N VAL A 574 15.23 -3.31 -17.67
CA VAL A 574 14.38 -2.77 -18.71
C VAL A 574 15.04 -1.92 -19.78
N GLY A 575 16.35 -1.67 -19.64
CA GLY A 575 17.06 -0.87 -20.64
C GLY A 575 16.90 0.64 -20.51
N ALA A 576 16.46 1.10 -19.36
CA ALA A 576 16.26 2.52 -19.12
C ALA A 576 16.52 2.76 -17.64
N LYS A 577 16.91 3.98 -17.28
CA LYS A 577 17.22 4.26 -15.90
C LYS A 577 16.12 4.96 -15.12
N ASN A 578 14.95 5.11 -15.71
CA ASN A 578 13.93 5.72 -14.91
C ASN A 578 12.57 5.07 -14.92
N MET A 579 11.77 5.47 -13.96
CA MET A 579 10.41 4.99 -13.80
C MET A 579 9.65 5.52 -15.01
N ASN A 580 8.93 4.62 -15.68
CA ASN A 580 8.18 4.95 -16.86
C ASN A 580 6.78 4.30 -16.77
N VAL A 581 5.75 5.04 -17.14
CA VAL A 581 4.39 4.53 -17.08
C VAL A 581 3.86 3.87 -18.34
N ARG A 582 4.59 3.96 -19.44
CA ARG A 582 4.12 3.35 -20.69
C ARG A 582 3.76 1.88 -20.62
N PRO A 583 4.58 1.07 -19.93
CA PRO A 583 4.26 -0.35 -19.84
C PRO A 583 2.95 -0.62 -19.10
N LEU A 584 2.65 0.17 -18.06
CA LEU A 584 1.40 -0.02 -17.32
C LEU A 584 0.28 0.21 -18.32
N LEU A 585 0.41 1.30 -19.06
CA LEU A 585 -0.57 1.68 -20.08
C LEU A 585 -0.68 0.62 -21.18
N ASN A 586 0.43 0.03 -21.57
CA ASN A 586 0.37 -0.99 -22.61
C ASN A 586 -0.42 -2.17 -22.09
N TYR A 587 -0.21 -2.51 -20.83
CA TYR A 587 -0.90 -3.63 -20.21
C TYR A 587 -2.40 -3.46 -20.34
N PHE A 588 -2.86 -2.25 -20.03
CA PHE A 588 -4.29 -1.94 -20.03
C PHE A 588 -4.89 -1.39 -21.32
N GLU A 589 -4.08 -1.24 -22.36
CA GLU A 589 -4.59 -0.72 -23.62
C GLU A 589 -5.88 -1.36 -24.14
N PRO A 590 -6.00 -2.69 -24.07
CA PRO A 590 -7.23 -3.33 -24.55
C PRO A 590 -8.47 -2.82 -23.81
N LEU A 591 -8.34 -2.65 -22.49
CA LEU A 591 -9.44 -2.16 -21.67
C LEU A 591 -9.65 -0.67 -21.91
N PHE A 592 -8.56 0.04 -22.19
CA PHE A 592 -8.63 1.47 -22.41
C PHE A 592 -9.42 1.83 -23.66
N THR A 593 -9.29 1.04 -24.70
CA THR A 593 -10.01 1.31 -25.94
C THR A 593 -11.49 0.94 -25.79
N TRP A 594 -11.75 -0.10 -25.01
CA TRP A 594 -13.11 -0.55 -24.75
C TRP A 594 -13.80 0.51 -23.88
N LEU A 595 -13.08 0.99 -22.87
CA LEU A 595 -13.61 2.00 -21.96
C LEU A 595 -14.06 3.25 -22.74
N LYS A 596 -13.16 3.80 -23.56
CA LYS A 596 -13.47 4.97 -24.37
C LYS A 596 -14.79 4.80 -25.12
N ASP A 597 -14.93 3.68 -25.81
CA ASP A 597 -16.16 3.37 -26.56
C ASP A 597 -17.38 3.25 -25.63
N GLN A 598 -17.18 2.71 -24.43
CA GLN A 598 -18.27 2.59 -23.47
C GLN A 598 -18.69 3.98 -22.98
N ASN A 599 -17.73 4.88 -22.88
CA ASN A 599 -17.98 6.23 -22.41
C ASN A 599 -18.31 7.18 -23.57
N LYS A 600 -18.66 6.61 -24.73
CA LYS A 600 -18.95 7.40 -25.92
C LYS A 600 -19.96 8.51 -25.64
N ASN A 601 -20.96 8.19 -24.85
CA ASN A 601 -22.02 9.12 -24.51
C ASN A 601 -21.95 9.67 -23.08
N SER A 602 -21.01 9.17 -22.27
CA SER A 602 -20.89 9.61 -20.89
C SER A 602 -20.06 10.86 -20.70
N PHE A 603 -20.13 11.43 -19.50
CA PHE A 603 -19.31 12.60 -19.18
C PHE A 603 -18.02 12.00 -18.62
N VAL A 604 -16.89 12.35 -19.22
CA VAL A 604 -15.61 11.84 -18.75
C VAL A 604 -14.93 12.93 -17.90
N GLY A 605 -14.70 12.61 -16.63
CA GLY A 605 -14.09 13.57 -15.74
C GLY A 605 -15.08 13.95 -14.67
N TRP A 606 -14.81 15.00 -13.91
CA TRP A 606 -15.72 15.33 -12.85
C TRP A 606 -15.69 16.77 -12.45
N SER A 607 -16.77 17.20 -11.81
CA SER A 607 -16.90 18.57 -11.29
C SER A 607 -16.58 18.46 -9.81
N THR A 608 -15.80 19.40 -9.28
CA THR A 608 -15.46 19.33 -7.86
C THR A 608 -16.47 20.05 -6.95
N ASP A 609 -17.53 20.59 -7.54
CA ASP A 609 -18.55 21.32 -6.80
C ASP A 609 -19.58 20.42 -6.17
N TRP A 610 -20.02 19.41 -6.90
CA TRP A 610 -21.04 18.53 -6.39
C TRP A 610 -20.66 17.77 -5.13
N SER A 611 -21.65 17.54 -4.28
CA SER A 611 -21.46 16.78 -3.05
C SER A 611 -22.80 16.20 -2.67
N PRO A 612 -22.80 15.05 -1.96
CA PRO A 612 -24.02 14.37 -1.54
C PRO A 612 -24.96 15.27 -0.72
N TYR A 613 -24.39 16.25 -0.04
CA TYR A 613 -25.17 17.14 0.81
C TYR A 613 -25.43 18.55 0.25
N ALA A 614 -24.98 18.81 -0.97
CA ALA A 614 -25.14 20.13 -1.58
C ALA A 614 -26.59 20.62 -1.53
N ASP A 615 -27.53 19.70 -1.35
CA ASP A 615 -28.94 20.05 -1.29
C ASP A 615 -29.66 19.56 -0.02
N UNK B 1 -29.52 22.06 2.47
CA UNK B 1 -28.50 23.01 3.02
C UNK B 1 -28.87 24.47 2.71
N UNK B 2 -28.80 25.32 3.74
CA UNK B 2 -29.10 26.75 3.59
C UNK B 2 -27.79 27.52 3.76
N UNK B 3 -27.55 28.53 2.92
CA UNK B 3 -26.30 29.28 2.98
C UNK B 3 -26.24 30.45 3.97
N UNK B 4 -25.05 31.01 4.14
CA UNK B 4 -24.81 32.15 5.04
C UNK B 4 -23.43 32.75 4.76
N UNK B 5 -23.35 34.08 4.74
CA UNK B 5 -22.08 34.76 4.47
C UNK B 5 -21.22 34.97 5.71
N UNK B 6 -20.76 36.21 5.91
CA UNK B 6 -19.90 36.55 7.05
C UNK B 6 -18.53 35.91 6.86
N UNK C 1 -18.55 32.74 4.38
CA UNK C 1 -19.37 31.62 3.80
C UNK C 1 -19.71 30.60 4.87
N UNK C 2 -20.86 29.94 4.74
CA UNK C 2 -21.28 28.93 5.69
C UNK C 2 -22.58 28.23 5.26
N UNK C 3 -22.46 26.93 4.97
CA UNK C 3 -23.61 26.12 4.56
C UNK C 3 -23.90 25.18 5.72
N UNK C 4 -25.13 24.67 5.81
CA UNK C 4 -25.48 23.76 6.91
C UNK C 4 -26.62 22.77 6.61
N UNK C 5 -26.76 21.76 7.47
CA UNK C 5 -27.79 20.74 7.33
C UNK C 5 -28.03 20.12 8.71
N UNK C 6 -28.99 19.22 8.84
CA UNK C 6 -29.28 18.63 10.15
C UNK C 6 -29.54 17.12 10.06
N UNK C 7 -29.16 16.38 11.09
CA UNK C 7 -29.34 14.94 11.08
C UNK C 7 -30.33 14.48 12.15
N UNK C 8 -29.88 13.66 13.09
CA UNK C 8 -30.80 13.18 14.14
C UNK C 8 -30.15 12.26 15.16
N UNK C 9 -28.83 12.27 15.24
CA UNK C 9 -28.14 11.37 16.18
C UNK C 9 -28.33 9.97 15.59
N UNK C 10 -28.34 9.92 14.26
CA UNK C 10 -28.49 8.72 13.45
C UNK C 10 -28.23 9.17 12.01
N UNK C 11 -26.99 9.62 11.80
CA UNK C 11 -26.43 10.15 10.55
C UNK C 11 -27.09 9.88 9.19
N UNK C 12 -28.10 9.02 9.15
CA UNK C 12 -28.81 8.70 7.91
C UNK C 12 -29.04 9.95 7.04
N UNK C 13 -29.82 10.90 7.57
CA UNK C 13 -30.15 12.16 6.89
C UNK C 13 -31.28 12.85 7.66
N UNK C 14 -31.94 13.81 7.03
CA UNK C 14 -33.07 14.51 7.67
C UNK C 14 -33.69 15.62 6.80
N UNK C 15 -34.93 15.39 6.36
CA UNK C 15 -35.66 16.32 5.50
C UNK C 15 -35.13 17.76 5.48
N UNK C 16 -34.94 18.29 4.29
CA UNK C 16 -34.41 19.65 4.09
C UNK C 16 -35.45 20.75 4.28
N UNK C 17 -35.26 21.85 3.56
CA UNK C 17 -36.16 22.99 3.65
C UNK C 17 -36.32 23.39 5.11
N UNK C 18 -37.37 22.88 5.75
CA UNK C 18 -37.65 23.14 7.15
C UNK C 18 -36.95 24.41 7.61
N UNK C 19 -37.29 25.53 6.98
CA UNK C 19 -36.72 26.82 7.31
C UNK C 19 -37.61 27.42 8.40
N UNK C 20 -38.82 26.88 8.48
CA UNK C 20 -39.80 27.32 9.47
C UNK C 20 -39.23 27.15 10.88
N UNK D 1 -14.61 30.76 17.10
CA UNK D 1 -15.17 29.37 17.10
C UNK D 1 -16.32 29.21 18.11
N UNK D 2 -16.26 29.94 19.23
CA UNK D 2 -17.31 29.85 20.23
C UNK D 2 -18.60 30.46 19.69
N UNK D 3 -18.47 31.24 18.61
CA UNK D 3 -19.65 31.86 17.99
C UNK D 3 -20.36 30.75 17.19
N UNK D 4 -19.56 29.88 16.59
CA UNK D 4 -20.08 28.75 15.82
C UNK D 4 -20.96 27.87 16.72
N UNK D 5 -20.41 27.47 17.86
CA UNK D 5 -21.14 26.62 18.81
C UNK D 5 -22.50 27.23 19.08
N UNK D 6 -22.49 28.56 19.24
CA UNK D 6 -23.71 29.32 19.52
C UNK D 6 -24.70 29.14 18.39
N UNK D 7 -24.25 29.47 17.17
CA UNK D 7 -25.13 29.33 16.02
C UNK D 7 -25.69 27.93 15.96
N UNK D 8 -24.80 26.93 15.96
CA UNK D 8 -25.21 25.54 15.88
C UNK D 8 -26.11 25.17 17.04
N UNK D 9 -25.78 25.68 18.23
CA UNK D 9 -26.59 25.38 19.41
C UNK D 9 -27.98 26.00 19.27
N UNK D 10 -28.05 27.18 18.67
CA UNK D 10 -29.34 27.87 18.47
C UNK D 10 -30.13 27.22 17.34
N UNK D 11 -29.50 27.04 16.18
CA UNK D 11 -30.17 26.41 15.04
C UNK D 11 -30.74 25.10 15.54
N UNK D 12 -29.96 24.41 16.37
CA UNK D 12 -30.39 23.14 16.93
C UNK D 12 -31.63 23.39 17.79
N UNK D 13 -31.60 24.48 18.54
CA UNK D 13 -32.74 24.85 19.38
C UNK D 13 -33.97 24.83 18.49
N UNK D 14 -33.85 25.48 17.34
CA UNK D 14 -34.95 25.54 16.39
C UNK D 14 -35.45 24.12 16.05
N UNK D 15 -34.52 23.25 15.67
CA UNK D 15 -34.90 21.89 15.31
C UNK D 15 -35.83 21.30 16.36
N UNK D 16 -35.35 21.23 17.60
CA UNK D 16 -36.14 20.68 18.69
C UNK D 16 -37.49 21.39 18.83
N UNK D 17 -37.51 22.67 18.46
CA UNK D 17 -38.73 23.47 18.53
C UNK D 17 -39.66 23.16 17.36
N UNK D 18 -40.07 21.89 17.27
CA UNK D 18 -40.95 21.43 16.20
C UNK D 18 -41.36 20.00 16.51
N UNK E 1 -40.15 15.03 20.28
CA UNK E 1 -39.14 14.27 21.07
C UNK E 1 -37.73 14.36 20.46
N UNK E 2 -37.66 14.68 19.17
CA UNK E 2 -36.38 14.80 18.47
C UNK E 2 -35.43 15.78 19.19
N UNK E 3 -34.42 15.21 19.87
CA UNK E 3 -33.45 15.99 20.61
C UNK E 3 -32.23 16.41 19.77
N UNK E 4 -32.43 17.28 18.79
CA UNK E 4 -31.34 17.75 17.94
C UNK E 4 -30.21 18.30 18.81
N UNK E 5 -29.08 18.62 18.20
CA UNK E 5 -27.95 19.14 18.97
C UNK E 5 -26.91 19.84 18.11
N UNK E 6 -26.00 20.55 18.76
CA UNK E 6 -24.95 21.27 18.06
C UNK E 6 -24.21 20.33 17.09
N UNK E 7 -23.93 19.13 17.57
CA UNK E 7 -23.21 18.13 16.79
C UNK E 7 -24.10 17.55 15.69
N UNK E 8 -25.40 17.80 15.77
CA UNK E 8 -26.32 17.30 14.76
C UNK E 8 -26.59 18.36 13.69
N UNK E 9 -25.85 19.47 13.76
CA UNK E 9 -25.96 20.57 12.79
C UNK E 9 -24.59 20.70 12.12
N UNK E 10 -24.50 20.23 10.87
CA UNK E 10 -23.26 20.22 10.13
C UNK E 10 -22.96 21.41 9.22
N UNK E 11 -21.89 22.14 9.54
CA UNK E 11 -21.48 23.31 8.78
C UNK E 11 -20.37 22.99 7.76
N UNK E 12 -20.54 23.47 6.54
CA UNK E 12 -19.55 23.22 5.47
C UNK E 12 -19.08 24.53 4.85
N UNK E 13 -18.23 24.43 3.82
CA UNK E 13 -17.68 25.62 3.15
C UNK E 13 -17.01 26.49 4.21
N UNK E 14 -17.18 27.80 4.11
CA UNK E 14 -16.58 28.71 5.10
C UNK E 14 -15.05 28.68 5.08
C1 NAG F . 35.68 -1.63 -2.54
C2 NAG F . 36.17 -1.92 -3.98
C3 NAG F . 36.08 -3.41 -4.34
C4 NAG F . 36.69 -4.27 -3.24
C5 NAG F . 36.02 -3.92 -1.92
C6 NAG F . 36.55 -4.76 -0.76
C7 NAG F . 35.94 -0.49 -5.92
C8 NAG F . 35.97 -1.18 -7.27
N2 NAG F . 35.37 -1.15 -4.92
O3 NAG F . 36.74 -3.67 -5.55
O4 NAG F . 36.51 -5.64 -3.55
O5 NAG F . 36.26 -2.54 -1.60
O6 NAG F . 36.79 -3.94 0.38
O7 NAG F . 36.42 0.65 -5.79
C1 NAG G . 24.67 11.53 14.69
C2 NAG G . 25.39 12.27 13.55
C3 NAG G . 26.84 12.58 13.93
C4 NAG G . 26.91 13.26 15.32
C5 NAG G . 26.14 12.44 16.35
C6 NAG G . 26.10 13.10 17.72
C7 NAG G . 25.25 12.00 11.16
C8 NAG G . 26.51 12.09 10.31
N2 NAG G . 25.36 11.44 12.35
O3 NAG G . 27.42 13.42 12.96
O4 NAG G . 28.27 13.38 15.72
O5 NAG G . 24.76 12.28 15.92
O6 NAG G . 24.83 13.64 18.01
O7 NAG G . 24.17 12.42 10.70
C1 NAG H . 8.49 -25.11 -20.02
C2 NAG H . 7.17 -25.13 -20.81
C3 NAG H . 6.53 -26.52 -20.72
C4 NAG H . 7.52 -27.56 -21.26
C5 NAG H . 8.82 -27.47 -20.43
C6 NAG H . 9.90 -28.43 -20.90
C7 NAG H . 5.54 -23.42 -21.19
C8 NAG H . 4.03 -23.47 -21.04
N2 NAG H . 6.26 -24.12 -20.32
O3 NAG H . 5.32 -26.54 -21.49
O4 NAG H . 6.96 -28.86 -21.17
O5 NAG H . 9.38 -26.14 -20.50
O6 NAG H . 9.67 -28.87 -22.23
O7 NAG H . 6.03 -22.75 -22.09
CL CL I . -10.52 9.72 4.03
ZN ZN J . 5.16 -9.61 -1.32
#